data_7QTD
#
_entry.id   7QTD
#
_cell.length_a   64.124
_cell.length_b   108.215
_cell.length_c   116.408
_cell.angle_alpha   90.000
_cell.angle_beta   94.750
_cell.angle_gamma   90.000
#
_symmetry.space_group_name_H-M   'P 1 21 1'
#
loop_
_entity.id
_entity.type
_entity.pdbx_description
1 polymer PlaO1
2 non-polymer 'MALONATE ION'
3 non-polymer 'FE (II) ION'
4 non-polymer '2-OXOGLUTARIC ACID'
5 non-polymer 'ACETATE ION'
6 non-polymer 'SODIUM ION'
7 water water
#
_entity_poly.entity_id   1
_entity_poly.type   'polypeptide(L)'
_entity_poly.pdbx_seq_one_letter_code
;MSDIITTAFEVRPLTSALGAEIHGVRLEDITDADFAELRRLLLKHLVIFIPDQEGWSAESRIAFGRRFGELEEHAYLPHL
DGHPQIQIIDSEQNGKIPIWHTDMTYAPNPPIGSVLQIVDGPAQGGDTMWSNQYLAYEGLSAPLRDLLDGLTAVHSIHIP
GLDSQAEHPVVRVHPETGRRALFVNRAHTSHIAQLNRNESDALLQYLYRFSTSPEFTCRYQWRPGSVAIWDNRVTQHYAV
DDYSEHRRGLRVVVLGDTPSGDKPRWDHYRPVPGQRYVPDWVNAKEAYGKLENLYFQ
;
_entity_poly.pdbx_strand_id   A,B,C,D
#
loop_
_chem_comp.id
_chem_comp.type
_chem_comp.name
_chem_comp.formula
ACT non-polymer 'ACETATE ION' 'C2 H3 O2 -1'
AKG non-polymer '2-OXOGLUTARIC ACID' 'C5 H6 O5'
FE2 non-polymer 'FE (II) ION' 'Fe 2'
MLI non-polymer 'MALONATE ION' 'C3 H2 O4 -2'
NA non-polymer 'SODIUM ION' 'Na 1'
#
# COMPACT_ATOMS: atom_id res chain seq x y z
N PHE A 9 -37.67 16.28 24.10
CA PHE A 9 -36.22 16.42 24.06
C PHE A 9 -35.77 17.33 22.93
N GLU A 10 -34.65 18.02 23.11
CA GLU A 10 -34.05 18.79 22.02
C GLU A 10 -32.89 17.97 21.46
N VAL A 11 -33.00 17.60 20.18
CA VAL A 11 -32.03 16.72 19.55
C VAL A 11 -31.14 17.54 18.60
N ARG A 12 -29.82 17.44 18.80
CA ARG A 12 -28.88 18.14 17.93
C ARG A 12 -27.93 17.17 17.26
N PRO A 13 -28.13 16.85 15.98
CA PRO A 13 -27.22 15.94 15.29
C PRO A 13 -25.80 16.51 15.21
N LEU A 14 -24.83 15.61 15.32
CA LEU A 14 -23.41 16.00 15.21
C LEU A 14 -22.96 16.10 13.76
N THR A 15 -23.19 15.03 13.00
CA THR A 15 -22.85 15.00 11.58
C THR A 15 -24.02 14.38 10.83
N SER A 16 -24.00 14.51 9.52
CA SER A 16 -25.01 13.85 8.70
CA SER A 16 -25.04 13.86 8.73
C SER A 16 -24.97 12.34 8.86
N ALA A 17 -23.77 11.79 9.11
CA ALA A 17 -23.65 10.33 9.13
C ALA A 17 -24.27 9.72 10.38
N LEU A 18 -23.98 10.26 11.56
CA LEU A 18 -24.44 9.66 12.82
C LEU A 18 -24.15 10.61 13.97
N GLY A 19 -24.75 10.28 15.12
CA GLY A 19 -24.48 10.99 16.34
C GLY A 19 -25.46 12.12 16.61
N ALA A 20 -25.97 12.19 17.84
CA ALA A 20 -26.84 13.30 18.20
C ALA A 20 -26.79 13.53 19.70
N GLU A 21 -26.72 14.80 20.08
CA GLU A 21 -26.74 15.20 21.49
C GLU A 21 -28.17 15.51 21.90
N ILE A 22 -28.59 14.94 23.03
CA ILE A 22 -29.99 14.99 23.46
C ILE A 22 -30.07 15.82 24.73
N HIS A 23 -30.74 16.97 24.67
CA HIS A 23 -30.93 17.84 25.82
C HIS A 23 -32.33 17.68 26.40
N GLY A 24 -32.45 17.97 27.70
CA GLY A 24 -33.72 17.88 28.39
C GLY A 24 -34.00 16.54 29.02
N VAL A 25 -33.02 15.67 29.10
CA VAL A 25 -33.11 14.32 29.64
C VAL A 25 -32.57 14.32 31.06
N ARG A 26 -33.22 13.58 31.95
CA ARG A 26 -32.67 13.27 33.26
C ARG A 26 -32.69 11.76 33.43
N LEU A 27 -31.53 11.13 33.31
CA LEU A 27 -31.48 9.67 33.32
C LEU A 27 -31.84 9.08 34.68
N GLU A 28 -31.58 9.84 35.77
CA GLU A 28 -31.68 9.27 37.11
C GLU A 28 -33.01 8.57 37.35
N ASP A 29 -34.11 9.23 37.03
CA ASP A 29 -35.45 8.67 37.22
C ASP A 29 -36.24 8.62 35.90
N ILE A 30 -35.58 8.30 34.80
CA ILE A 30 -36.22 8.39 33.50
C ILE A 30 -37.46 7.49 33.46
N THR A 31 -38.52 7.98 32.83
CA THR A 31 -39.74 7.19 32.71
C THR A 31 -39.61 6.15 31.59
N ASP A 32 -40.48 5.13 31.65
CA ASP A 32 -40.49 4.14 30.58
C ASP A 32 -40.76 4.79 29.22
N ALA A 33 -41.65 5.78 29.17
CA ALA A 33 -41.94 6.41 27.88
C ALA A 33 -40.80 7.26 27.38
N ASP A 34 -40.10 7.96 28.29
CA ASP A 34 -38.93 8.72 27.84
C ASP A 34 -37.81 7.79 27.40
N PHE A 35 -37.66 6.66 28.07
CA PHE A 35 -36.69 5.68 27.63
C PHE A 35 -37.00 5.19 26.21
N ALA A 36 -38.27 4.94 25.91
CA ALA A 36 -38.63 4.49 24.57
C ALA A 36 -38.20 5.50 23.52
N GLU A 37 -38.26 6.80 23.84
CA GLU A 37 -37.80 7.82 22.89
C GLU A 37 -36.28 7.78 22.72
N LEU A 38 -35.53 7.60 23.82
CA LEU A 38 -34.09 7.42 23.69
C LEU A 38 -33.76 6.20 22.82
N ARG A 39 -34.50 5.11 23.00
CA ARG A 39 -34.25 3.93 22.19
C ARG A 39 -34.49 4.20 20.71
N ARG A 40 -35.60 4.88 20.39
CA ARG A 40 -35.90 5.26 19.00
C ARG A 40 -34.79 6.12 18.43
N LEU A 41 -34.31 7.09 19.23
CA LEU A 41 -33.21 7.96 18.79
C LEU A 41 -31.91 7.19 18.59
N LEU A 42 -31.64 6.17 19.42
CA LEU A 42 -30.45 5.35 19.23
C LEU A 42 -30.51 4.57 17.92
N LEU A 43 -31.68 4.05 17.55
CA LEU A 43 -31.78 3.35 16.28
C LEU A 43 -31.67 4.33 15.12
N LYS A 44 -32.05 5.57 15.30
CA LYS A 44 -31.97 6.56 14.23
C LYS A 44 -30.55 7.10 14.07
N HIS A 45 -29.85 7.34 15.18
CA HIS A 45 -28.60 8.10 15.18
C HIS A 45 -27.36 7.28 15.53
N LEU A 46 -27.53 6.02 15.93
CA LEU A 46 -26.48 5.04 16.20
C LEU A 46 -25.66 5.30 17.44
N VAL A 47 -25.34 6.55 17.76
CA VAL A 47 -24.75 6.91 19.03
C VAL A 47 -25.41 8.21 19.47
N ILE A 48 -25.83 8.27 20.73
CA ILE A 48 -26.43 9.46 21.27
C ILE A 48 -25.67 9.87 22.51
N PHE A 49 -25.68 11.18 22.75
CA PHE A 49 -24.92 11.82 23.82
C PHE A 49 -25.88 12.59 24.73
N ILE A 50 -25.79 12.34 26.01
N ILE A 50 -25.79 12.34 26.02
CA ILE A 50 -26.66 12.92 27.02
CA ILE A 50 -26.69 12.94 27.01
C ILE A 50 -25.80 13.74 27.97
C ILE A 50 -25.83 13.75 27.99
N PRO A 51 -25.80 15.07 27.84
CA PRO A 51 -24.96 15.89 28.72
C PRO A 51 -25.62 16.11 30.08
N ASP A 52 -24.78 16.53 31.03
CA ASP A 52 -25.27 17.09 32.29
C ASP A 52 -25.81 16.03 33.26
N GLN A 53 -25.26 14.84 33.25
CA GLN A 53 -25.76 13.75 34.09
C GLN A 53 -24.84 13.47 35.26
N GLU A 54 -24.08 14.48 35.70
CA GLU A 54 -23.22 14.33 36.87
C GLU A 54 -24.03 13.81 38.06
N GLY A 55 -23.42 12.88 38.82
CA GLY A 55 -24.05 12.35 40.01
C GLY A 55 -25.00 11.20 39.80
N TRP A 56 -25.15 10.72 38.58
CA TRP A 56 -26.01 9.58 38.26
C TRP A 56 -25.68 8.40 39.17
N SER A 57 -26.68 7.88 39.88
CA SER A 57 -26.41 6.88 40.90
C SER A 57 -26.08 5.53 40.26
N ALA A 58 -25.28 4.74 40.99
CA ALA A 58 -24.90 3.41 40.50
C ALA A 58 -26.13 2.54 40.24
N GLU A 59 -27.08 2.54 41.17
CA GLU A 59 -28.27 1.73 40.98
C GLU A 59 -29.07 2.17 39.76
N SER A 60 -29.16 3.49 39.52
CA SER A 60 -29.90 3.95 38.35
C SER A 60 -29.16 3.63 37.07
N ARG A 61 -27.83 3.79 37.08
CA ARG A 61 -27.03 3.44 35.92
C ARG A 61 -27.22 1.98 35.53
N ILE A 62 -27.23 1.09 36.54
CA ILE A 62 -27.38 -0.33 36.26
C ILE A 62 -28.78 -0.64 35.75
N ALA A 63 -29.79 -0.02 36.36
CA ALA A 63 -31.16 -0.24 35.90
C ALA A 63 -31.34 0.23 34.47
N PHE A 64 -30.73 1.37 34.13
CA PHE A 64 -30.80 1.90 32.76
C PHE A 64 -30.18 0.90 31.77
N GLY A 65 -28.98 0.38 32.06
CA GLY A 65 -28.38 -0.59 31.17
C GLY A 65 -29.24 -1.83 31.01
N ARG A 66 -29.85 -2.27 32.10
CA ARG A 66 -30.66 -3.49 32.07
C ARG A 66 -31.93 -3.31 31.26
N ARG A 67 -32.35 -2.08 31.00
CA ARG A 67 -33.47 -1.86 30.07
C ARG A 67 -33.13 -2.40 28.68
N PHE A 68 -31.86 -2.37 28.30
CA PHE A 68 -31.43 -2.85 27.00
C PHE A 68 -31.17 -4.36 26.98
N GLY A 69 -30.79 -4.95 28.10
CA GLY A 69 -30.49 -6.36 28.14
C GLY A 69 -29.62 -6.68 29.35
N GLU A 70 -29.04 -7.87 29.32
CA GLU A 70 -28.17 -8.32 30.39
C GLU A 70 -26.85 -7.57 30.34
N LEU A 71 -26.30 -7.23 31.51
CA LEU A 71 -25.05 -6.47 31.57
C LEU A 71 -23.86 -7.40 31.82
N GLU A 72 -22.73 -7.06 31.20
CA GLU A 72 -21.52 -7.85 31.35
C GLU A 72 -20.84 -7.59 32.69
N GLU A 73 -20.33 -8.66 33.28
CA GLU A 73 -19.45 -8.58 34.45
C GLU A 73 -18.03 -8.93 34.00
N HIS A 74 -17.21 -7.88 33.80
CA HIS A 74 -15.87 -8.02 33.25
C HIS A 74 -14.94 -8.69 34.25
N ALA A 75 -13.89 -9.31 33.73
CA ALA A 75 -12.94 -10.06 34.54
C ALA A 75 -11.62 -9.33 34.75
N TYR A 76 -11.12 -8.63 33.73
CA TYR A 76 -9.84 -7.95 33.81
C TYR A 76 -10.02 -6.51 34.30
N LEU A 77 -10.86 -5.73 33.62
CA LEU A 77 -10.99 -4.33 33.96
C LEU A 77 -11.49 -4.19 35.40
N PRO A 78 -11.01 -3.18 36.14
CA PRO A 78 -11.59 -2.92 37.45
C PRO A 78 -13.08 -2.58 37.30
N HIS A 79 -13.79 -2.74 38.39
CA HIS A 79 -15.18 -2.31 38.43
C HIS A 79 -15.35 -1.41 39.65
N LEU A 80 -16.34 -0.56 39.59
CA LEU A 80 -16.72 0.25 40.72
C LEU A 80 -16.93 -0.65 41.93
N ASP A 81 -16.44 -0.21 43.07
CA ASP A 81 -16.54 -1.04 44.27
C ASP A 81 -18.01 -1.26 44.63
N GLY A 82 -18.38 -2.53 44.81
CA GLY A 82 -19.74 -2.90 45.11
C GLY A 82 -20.62 -3.16 43.90
N HIS A 83 -20.12 -2.89 42.68
CA HIS A 83 -20.95 -2.99 41.48
C HIS A 83 -20.17 -3.64 40.36
N PRO A 84 -20.18 -4.98 40.31
CA PRO A 84 -19.41 -5.70 39.28
C PRO A 84 -19.83 -5.37 37.86
N GLN A 85 -21.02 -4.78 37.68
N GLN A 85 -21.01 -4.78 37.64
CA GLN A 85 -21.55 -4.47 36.36
CA GLN A 85 -21.47 -4.50 36.30
C GLN A 85 -21.05 -3.13 35.84
C GLN A 85 -21.18 -3.05 35.88
N ILE A 86 -20.49 -2.28 36.70
CA ILE A 86 -20.02 -0.95 36.30
C ILE A 86 -18.51 -1.05 36.12
N GLN A 87 -18.08 -1.11 34.86
CA GLN A 87 -16.67 -1.22 34.52
C GLN A 87 -15.99 0.16 34.54
N ILE A 88 -14.69 0.15 34.87
CA ILE A 88 -13.90 1.37 34.95
C ILE A 88 -12.96 1.43 33.75
N ILE A 89 -13.01 2.54 33.04
CA ILE A 89 -12.12 2.86 31.91
C ILE A 89 -11.25 4.01 32.41
N ASP A 90 -10.01 3.73 32.77
CA ASP A 90 -9.16 4.70 33.46
C ASP A 90 -7.81 4.75 32.75
N SER A 91 -7.40 5.97 32.39
CA SER A 91 -6.14 6.12 31.66
C SER A 91 -4.95 5.75 32.54
N GLU A 92 -5.04 6.03 33.83
CA GLU A 92 -3.97 5.65 34.75
C GLU A 92 -3.94 4.14 34.95
N GLN A 93 -5.10 3.51 35.12
CA GLN A 93 -5.20 2.08 35.36
C GLN A 93 -5.08 1.25 34.10
N ASN A 94 -4.86 1.87 32.94
CA ASN A 94 -4.69 1.14 31.69
C ASN A 94 -4.21 2.09 30.59
N LYS A 96 -6.90 3.38 27.29
N LYS A 96 -4.87 1.80 27.05
CA LYS A 96 -6.75 3.99 25.97
CA LYS A 96 -5.63 2.37 25.94
C LYS A 96 -6.90 2.95 24.86
C LYS A 96 -4.90 2.16 24.61
N ILE A 97 -7.52 3.32 23.75
N ILE A 97 -5.69 1.97 23.55
CA ILE A 97 -7.67 2.38 22.63
CA ILE A 97 -5.15 1.72 22.22
C ILE A 97 -7.77 3.14 21.30
C ILE A 97 -5.94 2.53 21.20
N PRO A 98 -6.63 3.70 20.81
N PRO A 98 -5.32 3.45 20.46
CA PRO A 98 -6.52 4.43 19.51
CA PRO A 98 -6.07 4.22 19.47
C PRO A 98 -6.34 3.48 18.32
C PRO A 98 -6.27 3.41 18.20
N ILE A 99 -7.39 2.71 18.09
CA ILE A 99 -7.56 1.83 16.94
C ILE A 99 -9.05 1.69 16.69
N TRP A 100 -9.43 1.73 15.40
CA TRP A 100 -10.84 1.55 15.09
C TRP A 100 -11.27 0.11 15.43
N HIS A 101 -12.38 0.01 16.15
CA HIS A 101 -12.83 -1.32 16.54
C HIS A 101 -14.33 -1.32 16.76
N THR A 102 -14.89 -2.53 16.75
CA THR A 102 -16.24 -2.81 17.22
C THR A 102 -16.01 -3.74 18.41
N ASP A 103 -16.75 -3.55 19.49
CA ASP A 103 -16.36 -4.17 20.75
C ASP A 103 -16.50 -5.69 20.70
N MET A 104 -15.43 -6.39 21.07
N MET A 104 -15.42 -6.37 21.07
CA MET A 104 -15.44 -7.83 21.37
CA MET A 104 -15.39 -7.82 21.33
C MET A 104 -15.98 -8.68 20.21
C MET A 104 -16.03 -8.63 20.21
N THR A 105 -15.69 -8.28 18.96
CA THR A 105 -16.23 -9.07 17.84
C THR A 105 -15.52 -10.43 17.69
N TYR A 106 -14.43 -10.65 18.42
CA TYR A 106 -13.83 -11.97 18.52
C TYR A 106 -14.67 -12.96 19.32
N ALA A 107 -15.78 -12.50 19.94
CA ALA A 107 -16.69 -13.39 20.65
C ALA A 107 -17.84 -13.79 19.74
N PRO A 108 -18.37 -15.01 19.90
CA PRO A 108 -19.56 -15.38 19.09
C PRO A 108 -20.76 -14.49 19.31
N ASN A 109 -20.90 -13.91 20.51
CA ASN A 109 -22.00 -12.97 20.80
C ASN A 109 -21.41 -11.67 21.33
N PRO A 110 -21.00 -10.77 20.43
CA PRO A 110 -20.47 -9.47 20.88
C PRO A 110 -21.55 -8.67 21.59
N PRO A 111 -21.18 -7.68 22.38
CA PRO A 111 -22.17 -6.80 22.98
C PRO A 111 -23.04 -6.11 21.96
N ILE A 112 -24.31 -5.82 22.32
N ILE A 112 -24.31 -5.87 22.38
CA ILE A 112 -25.11 -5.02 21.40
CA ILE A 112 -25.28 -5.07 21.64
C ILE A 112 -24.93 -3.52 21.63
C ILE A 112 -24.86 -3.60 21.63
N GLY A 113 -24.34 -3.12 22.75
CA GLY A 113 -24.02 -1.71 22.91
C GLY A 113 -23.51 -1.43 24.30
N SER A 114 -23.14 -0.17 24.53
CA SER A 114 -22.60 0.26 25.80
C SER A 114 -23.10 1.65 26.17
N VAL A 115 -23.00 1.95 27.47
CA VAL A 115 -23.31 3.24 28.05
C VAL A 115 -22.06 3.69 28.79
N LEU A 116 -21.46 4.77 28.33
CA LEU A 116 -20.17 5.24 28.88
C LEU A 116 -20.30 6.67 29.35
N GLN A 117 -19.82 6.95 30.55
CA GLN A 117 -19.79 8.30 31.10
C GLN A 117 -18.36 8.65 31.54
N ILE A 118 -17.79 9.68 30.93
CA ILE A 118 -16.49 10.20 31.36
C ILE A 118 -16.75 11.13 32.55
N VAL A 119 -16.27 10.74 33.73
CA VAL A 119 -16.58 11.45 34.97
C VAL A 119 -15.45 12.43 35.31
N ASP A 120 -14.25 12.11 34.88
CA ASP A 120 -13.07 12.98 35.04
C ASP A 120 -12.33 12.98 33.71
N GLY A 121 -11.95 14.15 33.24
CA GLY A 121 -11.13 14.21 32.03
C GLY A 121 -10.65 15.62 31.74
N PRO A 122 -9.75 15.75 30.78
CA PRO A 122 -9.21 17.09 30.45
C PRO A 122 -10.22 17.91 29.64
N ALA A 123 -9.98 19.23 29.64
CA ALA A 123 -10.90 20.14 28.97
C ALA A 123 -10.83 19.99 27.45
N GLN A 124 -9.67 19.55 26.95
CA GLN A 124 -9.53 19.12 25.56
C GLN A 124 -8.64 17.89 25.53
N GLY A 125 -8.79 17.08 24.51
CA GLY A 125 -8.10 15.83 24.43
C GLY A 125 -9.00 14.68 24.85
N GLY A 126 -8.75 13.52 24.27
CA GLY A 126 -9.49 12.31 24.61
C GLY A 126 -10.83 12.17 23.93
N ASP A 127 -11.03 12.82 22.80
CA ASP A 127 -12.28 12.63 22.07
C ASP A 127 -12.46 11.15 21.69
N THR A 128 -13.71 10.78 21.45
CA THR A 128 -14.05 9.50 20.88
C THR A 128 -14.76 9.72 19.55
N MET A 129 -14.41 8.93 18.54
CA MET A 129 -15.08 8.97 17.24
C MET A 129 -15.86 7.69 17.06
N TRP A 130 -16.98 7.81 16.33
CA TRP A 130 -17.76 6.65 15.92
C TRP A 130 -17.95 6.71 14.41
N SER A 131 -18.17 5.54 13.80
CA SER A 131 -18.45 5.48 12.38
C SER A 131 -19.70 4.66 12.15
N ASN A 132 -20.36 4.98 11.03
CA ASN A 132 -21.65 4.43 10.62
C ASN A 132 -21.39 3.30 9.61
N GLN A 133 -21.51 2.04 10.06
CA GLN A 133 -21.29 0.88 9.21
C GLN A 133 -22.40 0.62 8.20
N TYR A 134 -23.60 1.20 8.38
CA TYR A 134 -24.58 1.15 7.30
C TYR A 134 -24.04 1.89 6.08
N LEU A 135 -23.51 3.09 6.29
CA LEU A 135 -23.06 3.93 5.19
C LEU A 135 -21.79 3.38 4.56
N ALA A 136 -20.96 2.76 5.38
CA ALA A 136 -19.78 2.07 4.86
C ALA A 136 -20.15 0.98 3.85
N TYR A 137 -21.19 0.18 4.15
CA TYR A 137 -21.65 -0.83 3.21
C TYR A 137 -22.36 -0.20 2.00
N GLU A 138 -23.27 0.71 2.26
CA GLU A 138 -24.07 1.32 1.20
C GLU A 138 -23.23 2.12 0.23
N GLY A 139 -22.08 2.64 0.68
CA GLY A 139 -21.17 3.40 -0.18
C GLY A 139 -20.30 2.56 -1.11
N LEU A 140 -20.29 1.25 -0.94
CA LEU A 140 -19.61 0.36 -1.85
C LEU A 140 -20.47 0.23 -3.11
N SER A 141 -19.81 0.01 -4.23
CA SER A 141 -20.54 -0.17 -5.49
C SER A 141 -21.23 -1.53 -5.50
N ALA A 142 -22.23 -1.66 -6.38
CA ALA A 142 -23.05 -2.89 -6.37
C ALA A 142 -22.27 -4.20 -6.51
N PRO A 143 -21.23 -4.31 -7.35
CA PRO A 143 -20.54 -5.61 -7.44
C PRO A 143 -19.88 -5.99 -6.12
N LEU A 144 -19.37 -5.00 -5.40
N LEU A 144 -19.34 -5.02 -5.40
CA LEU A 144 -18.69 -5.30 -4.15
CA LEU A 144 -18.69 -5.34 -4.13
C LEU A 144 -19.69 -5.59 -3.04
C LEU A 144 -19.71 -5.63 -3.04
N ARG A 145 -20.81 -4.87 -2.99
CA ARG A 145 -21.86 -5.21 -2.03
C ARG A 145 -22.30 -6.66 -2.27
N ASP A 146 -22.46 -7.04 -3.54
N ASP A 146 -22.46 -7.04 -3.55
CA ASP A 146 -22.90 -8.38 -3.84
CA ASP A 146 -22.90 -8.39 -3.87
C ASP A 146 -21.88 -9.41 -3.37
C ASP A 146 -21.87 -9.42 -3.42
N LEU A 147 -20.59 -9.11 -3.57
CA LEU A 147 -19.55 -10.02 -3.10
C LEU A 147 -19.60 -10.15 -1.59
N LEU A 148 -19.60 -9.02 -0.87
CA LEU A 148 -19.51 -9.07 0.57
C LEU A 148 -20.69 -9.78 1.20
N ASP A 149 -21.90 -9.63 0.61
CA ASP A 149 -23.09 -10.29 1.14
C ASP A 149 -22.88 -11.79 1.34
N GLY A 150 -22.03 -12.40 0.52
CA GLY A 150 -21.83 -13.84 0.57
C GLY A 150 -20.58 -14.30 1.32
N LEU A 151 -19.89 -13.41 2.01
CA LEU A 151 -18.65 -13.74 2.70
C LEU A 151 -18.85 -13.71 4.21
N THR A 152 -17.96 -14.41 4.91
CA THR A 152 -17.83 -14.30 6.34
C THR A 152 -16.37 -13.99 6.68
N ALA A 153 -16.15 -13.61 7.92
CA ALA A 153 -14.80 -13.32 8.39
C ALA A 153 -14.58 -13.90 9.79
N VAL A 154 -13.35 -14.30 10.04
CA VAL A 154 -12.90 -14.74 11.34
C VAL A 154 -12.36 -13.52 12.09
N HIS A 155 -12.82 -13.35 13.31
CA HIS A 155 -12.39 -12.33 14.27
C HIS A 155 -11.73 -13.06 15.41
N SER A 156 -10.60 -12.52 15.90
CA SER A 156 -9.88 -13.29 16.90
C SER A 156 -9.06 -12.38 17.81
N ILE A 157 -8.73 -12.91 18.97
CA ILE A 157 -7.80 -12.31 19.91
C ILE A 157 -6.99 -13.43 20.57
N HIS A 158 -5.71 -13.18 20.77
CA HIS A 158 -4.80 -14.17 21.36
C HIS A 158 -3.86 -13.37 22.26
N ILE A 159 -4.23 -13.26 23.52
CA ILE A 159 -3.40 -12.61 24.54
C ILE A 159 -3.34 -13.54 25.75
N PRO A 160 -2.45 -13.29 26.72
CA PRO A 160 -2.43 -14.11 27.93
C PRO A 160 -3.75 -13.99 28.69
N GLY A 161 -4.37 -15.14 28.93
CA GLY A 161 -5.62 -15.20 29.66
C GLY A 161 -6.88 -15.04 28.83
N LEU A 162 -6.77 -14.60 27.58
CA LEU A 162 -7.94 -14.45 26.73
C LEU A 162 -7.61 -14.92 25.33
N ASP A 163 -8.31 -15.97 24.91
CA ASP A 163 -8.11 -16.59 23.60
C ASP A 163 -9.52 -16.84 23.05
N SER A 164 -9.88 -16.17 21.97
CA SER A 164 -11.23 -16.26 21.45
C SER A 164 -11.22 -16.01 19.94
N GLN A 165 -12.01 -16.78 19.21
CA GLN A 165 -12.27 -16.43 17.83
C GLN A 165 -13.72 -16.74 17.49
N ALA A 166 -14.20 -16.08 16.45
CA ALA A 166 -15.59 -16.21 16.05
C ALA A 166 -15.69 -15.91 14.58
N GLU A 167 -16.66 -16.55 13.92
CA GLU A 167 -16.91 -16.31 12.50
C GLU A 167 -18.24 -15.58 12.35
N HIS A 168 -18.22 -14.43 11.71
CA HIS A 168 -19.39 -13.58 11.53
C HIS A 168 -19.57 -13.21 10.07
N PRO A 169 -20.79 -12.95 9.65
CA PRO A 169 -21.02 -12.38 8.32
C PRO A 169 -20.26 -11.06 8.15
N VAL A 170 -19.72 -10.85 6.94
CA VAL A 170 -19.10 -9.57 6.62
C VAL A 170 -20.15 -8.47 6.53
N VAL A 171 -21.38 -8.82 6.16
CA VAL A 171 -22.50 -7.88 6.08
C VAL A 171 -23.60 -8.42 6.99
N ARG A 172 -23.96 -7.67 8.03
CA ARG A 172 -24.95 -8.08 9.01
CA ARG A 172 -24.99 -8.14 8.93
C ARG A 172 -26.25 -7.29 8.82
N VAL A 173 -27.36 -7.94 9.13
CA VAL A 173 -28.67 -7.32 9.10
C VAL A 173 -29.00 -6.89 10.53
N HIS A 174 -29.21 -5.61 10.74
CA HIS A 174 -29.58 -5.15 12.07
C HIS A 174 -30.93 -5.76 12.43
N PRO A 175 -31.08 -6.38 13.60
CA PRO A 175 -32.35 -7.07 13.89
C PRO A 175 -33.56 -6.17 13.96
N GLU A 176 -33.41 -4.93 14.41
CA GLU A 176 -34.56 -4.04 14.57
C GLU A 176 -34.84 -3.26 13.28
N THR A 177 -33.81 -2.71 12.65
CA THR A 177 -34.02 -1.88 11.46
C THR A 177 -34.10 -2.67 10.15
N GLY A 178 -33.56 -3.89 10.11
CA GLY A 178 -33.46 -4.65 8.89
C GLY A 178 -32.45 -4.14 7.89
N ARG A 179 -31.69 -3.10 8.24
CA ARG A 179 -30.75 -2.48 7.32
C ARG A 179 -29.41 -3.19 7.43
N ARG A 180 -28.71 -3.33 6.29
CA ARG A 180 -27.43 -4.01 6.23
C ARG A 180 -26.26 -3.10 6.56
N ALA A 181 -25.32 -3.64 7.34
CA ALA A 181 -24.15 -2.90 7.78
C ALA A 181 -22.90 -3.76 7.60
N LEU A 182 -21.80 -3.10 7.24
CA LEU A 182 -20.50 -3.75 7.28
C LEU A 182 -20.22 -4.24 8.71
N PHE A 183 -19.58 -5.40 8.83
CA PHE A 183 -19.26 -5.98 10.12
C PHE A 183 -17.85 -6.56 10.12
N VAL A 184 -16.89 -5.72 9.74
CA VAL A 184 -15.47 -5.97 9.94
C VAL A 184 -14.88 -4.71 10.57
N ASN A 185 -13.80 -4.88 11.33
CA ASN A 185 -13.13 -3.77 11.99
C ASN A 185 -11.64 -4.11 12.16
N ARG A 186 -10.82 -3.06 12.08
CA ARG A 186 -9.36 -3.21 12.05
CA ARG A 186 -9.37 -3.28 12.02
C ARG A 186 -8.83 -4.01 13.24
N ALA A 187 -9.32 -3.67 14.45
CA ALA A 187 -8.74 -4.24 15.66
C ALA A 187 -8.91 -5.74 15.75
N HIS A 188 -10.13 -6.24 15.50
CA HIS A 188 -10.39 -7.63 15.82
C HIS A 188 -10.63 -8.55 14.63
N THR A 189 -10.95 -8.05 13.46
CA THR A 189 -11.10 -8.95 12.31
C THR A 189 -9.73 -9.48 11.87
N SER A 190 -9.64 -10.77 11.64
CA SER A 190 -8.42 -11.40 11.12
C SER A 190 -8.41 -11.52 9.60
N HIS A 191 -9.38 -12.23 9.04
CA HIS A 191 -9.34 -12.56 7.61
C HIS A 191 -10.74 -12.98 7.16
N ILE A 192 -10.97 -12.81 5.89
CA ILE A 192 -12.18 -13.32 5.24
C ILE A 192 -12.02 -14.80 4.94
N ALA A 193 -13.03 -15.59 5.30
CA ALA A 193 -12.89 -17.03 5.35
C ALA A 193 -12.87 -17.68 3.96
N GLN A 194 -13.59 -17.13 2.98
CA GLN A 194 -13.72 -17.76 1.65
C GLN A 194 -12.65 -17.31 0.65
N LEU A 195 -11.84 -16.31 0.99
CA LEU A 195 -10.73 -15.85 0.16
C LEU A 195 -9.42 -16.42 0.70
N ASN A 196 -8.38 -16.42 -0.12
CA ASN A 196 -7.06 -16.72 0.47
C ASN A 196 -6.60 -15.51 1.28
N ARG A 197 -5.58 -15.72 2.11
CA ARG A 197 -5.22 -14.65 3.06
C ARG A 197 -4.75 -13.38 2.34
N ASN A 198 -4.08 -13.51 1.18
CA ASN A 198 -3.55 -12.32 0.52
C ASN A 198 -4.67 -11.49 -0.10
N GLU A 199 -5.65 -12.18 -0.70
CA GLU A 199 -6.84 -11.50 -1.20
C GLU A 199 -7.59 -10.82 -0.06
N SER A 200 -7.74 -11.55 1.05
CA SER A 200 -8.37 -11.00 2.24
C SER A 200 -7.69 -9.73 2.72
N ASP A 201 -6.35 -9.75 2.83
CA ASP A 201 -5.62 -8.56 3.26
C ASP A 201 -5.97 -7.35 2.40
N ALA A 202 -5.94 -7.54 1.09
CA ALA A 202 -6.18 -6.45 0.15
C ALA A 202 -7.60 -5.89 0.28
N LEU A 203 -8.59 -6.76 0.39
CA LEU A 203 -9.97 -6.30 0.50
C LEU A 203 -10.21 -5.65 1.85
N LEU A 204 -9.72 -6.26 2.92
CA LEU A 204 -9.94 -5.66 4.25
C LEU A 204 -9.23 -4.33 4.37
N GLN A 205 -8.01 -4.21 3.81
CA GLN A 205 -7.33 -2.93 3.86
CA GLN A 205 -7.32 -2.93 3.81
C GLN A 205 -8.19 -1.82 3.23
N TYR A 206 -8.82 -2.09 2.10
CA TYR A 206 -9.67 -1.12 1.46
C TYR A 206 -10.87 -0.80 2.35
N LEU A 207 -11.53 -1.85 2.86
CA LEU A 207 -12.74 -1.66 3.66
C LEU A 207 -12.46 -0.88 4.93
N TYR A 208 -11.35 -1.18 5.61
CA TYR A 208 -11.05 -0.48 6.85
C TYR A 208 -10.90 1.01 6.61
N ARG A 209 -10.14 1.40 5.59
CA ARG A 209 -9.95 2.82 5.32
C ARG A 209 -11.24 3.49 4.83
N PHE A 210 -11.98 2.83 3.92
CA PHE A 210 -13.20 3.41 3.39
C PHE A 210 -14.25 3.59 4.48
N SER A 211 -14.39 2.59 5.36
CA SER A 211 -15.43 2.57 6.38
C SER A 211 -15.24 3.64 7.44
N THR A 212 -14.02 4.17 7.60
CA THR A 212 -13.75 5.21 8.58
C THR A 212 -13.43 6.55 7.91
N SER A 213 -13.88 6.72 6.68
CA SER A 213 -13.85 8.00 5.96
C SER A 213 -14.54 9.07 6.82
N PRO A 214 -14.08 10.33 6.77
CA PRO A 214 -14.73 11.35 7.61
C PRO A 214 -16.19 11.59 7.29
N GLU A 215 -16.61 11.27 6.06
CA GLU A 215 -17.99 11.41 5.70
C GLU A 215 -18.88 10.40 6.43
N PHE A 216 -18.29 9.38 7.07
CA PHE A 216 -19.06 8.36 7.78
C PHE A 216 -18.93 8.44 9.29
N THR A 217 -18.22 9.45 9.81
CA THR A 217 -17.87 9.47 11.23
C THR A 217 -18.43 10.70 11.92
N CYS A 218 -18.36 10.65 13.25
CA CYS A 218 -18.54 11.82 14.09
C CYS A 218 -17.45 11.78 15.16
N ARG A 219 -17.16 12.95 15.73
CA ARG A 219 -16.10 13.09 16.74
C ARG A 219 -16.68 13.86 17.93
N TYR A 220 -16.68 13.25 19.10
CA TYR A 220 -17.30 13.81 20.29
C TYR A 220 -16.27 14.26 21.32
N GLN A 221 -16.41 15.50 21.80
CA GLN A 221 -15.60 16.04 22.87
C GLN A 221 -16.34 15.86 24.19
N TRP A 222 -15.72 15.15 25.11
CA TRP A 222 -16.36 14.83 26.39
C TRP A 222 -16.31 15.98 27.37
N ARG A 223 -17.45 16.29 27.97
CA ARG A 223 -17.47 17.14 29.16
C ARG A 223 -17.82 16.27 30.36
N PRO A 224 -17.21 16.48 31.52
CA PRO A 224 -17.55 15.65 32.69
C PRO A 224 -19.06 15.63 32.89
N GLY A 225 -19.59 14.45 33.18
CA GLY A 225 -21.04 14.28 33.26
C GLY A 225 -21.74 13.86 31.99
N SER A 226 -21.10 13.94 30.82
CA SER A 226 -21.72 13.52 29.58
C SER A 226 -21.73 12.01 29.46
N VAL A 227 -22.80 11.48 28.89
CA VAL A 227 -23.01 10.04 28.72
C VAL A 227 -23.14 9.78 27.23
N ALA A 228 -22.41 8.77 26.72
CA ALA A 228 -22.61 8.27 25.37
C ALA A 228 -23.22 6.88 25.42
N ILE A 229 -24.21 6.67 24.55
CA ILE A 229 -24.86 5.38 24.38
C ILE A 229 -24.71 5.03 22.90
N TRP A 230 -24.13 3.88 22.60
CA TRP A 230 -23.98 3.49 21.22
C TRP A 230 -24.42 2.06 20.95
N ASP A 231 -24.82 1.87 19.70
CA ASP A 231 -25.23 0.57 19.16
C ASP A 231 -24.00 -0.07 18.55
N ASN A 232 -23.46 -1.08 19.22
CA ASN A 232 -22.26 -1.80 18.81
C ASN A 232 -22.53 -2.74 17.64
N ARG A 233 -23.77 -2.88 17.20
CA ARG A 233 -24.06 -3.75 16.06
CA ARG A 233 -24.07 -3.74 16.06
C ARG A 233 -23.70 -3.10 14.71
N VAL A 234 -23.70 -1.77 14.65
CA VAL A 234 -23.59 -1.08 13.37
C VAL A 234 -22.65 0.13 13.43
N THR A 235 -21.74 0.11 14.40
CA THR A 235 -20.74 1.18 14.53
C THR A 235 -19.36 0.57 14.75
N GLN A 236 -18.35 1.39 14.46
CA GLN A 236 -17.03 1.27 15.03
C GLN A 236 -16.77 2.51 15.88
N HIS A 237 -15.75 2.46 16.75
CA HIS A 237 -15.31 3.68 17.41
C HIS A 237 -13.82 3.62 17.65
N TYR A 238 -13.29 4.78 18.06
CA TYR A 238 -11.87 5.07 18.12
C TYR A 238 -11.66 6.08 19.24
N ALA A 239 -10.78 5.76 20.17
CA ALA A 239 -10.48 6.64 21.31
C ALA A 239 -9.18 7.39 20.99
N VAL A 240 -9.28 8.71 20.75
CA VAL A 240 -8.11 9.49 20.35
C VAL A 240 -7.11 9.56 21.49
N ASP A 241 -5.85 9.32 21.18
CA ASP A 241 -4.79 9.29 22.20
C ASP A 241 -3.94 10.54 22.07
N ASP A 242 -4.51 11.66 22.51
CA ASP A 242 -3.87 12.98 22.44
C ASP A 242 -3.83 13.68 23.78
N TYR A 243 -3.80 12.95 24.89
CA TYR A 243 -3.81 13.60 26.20
C TYR A 243 -2.88 12.85 27.16
N SER A 244 -2.41 13.59 28.17
CA SER A 244 -1.67 13.01 29.28
C SER A 244 -2.37 13.18 30.62
N GLU A 245 -3.46 13.92 30.68
N GLU A 245 -3.45 13.95 30.70
CA GLU A 245 -4.17 14.13 31.94
CA GLU A 245 -4.13 14.12 31.98
C GLU A 245 -4.95 12.87 32.32
C GLU A 245 -4.91 12.85 32.34
N HIS A 246 -5.35 12.80 33.59
CA HIS A 246 -6.16 11.67 34.04
C HIS A 246 -7.53 11.71 33.38
N ARG A 247 -7.98 10.55 32.86
CA ARG A 247 -9.28 10.42 32.22
C ARG A 247 -9.92 9.14 32.77
N ARG A 248 -11.14 9.26 33.28
CA ARG A 248 -11.79 8.15 33.96
C ARG A 248 -13.25 8.08 33.53
N GLY A 249 -13.68 6.89 33.16
CA GLY A 249 -15.05 6.67 32.74
C GLY A 249 -15.64 5.47 33.44
N LEU A 250 -16.98 5.49 33.54
CA LEU A 250 -17.77 4.39 34.05
C LEU A 250 -18.60 3.85 32.89
N ARG A 251 -18.62 2.53 32.74
CA ARG A 251 -19.23 1.92 31.55
C ARG A 251 -20.06 0.71 31.96
N VAL A 252 -21.23 0.55 31.36
CA VAL A 252 -21.99 -0.70 31.41
C VAL A 252 -22.11 -1.22 29.99
N VAL A 253 -21.94 -2.52 29.84
CA VAL A 253 -21.90 -3.17 28.53
C VAL A 253 -23.05 -4.16 28.44
N VAL A 254 -23.86 -4.03 27.40
CA VAL A 254 -25.08 -4.81 27.21
C VAL A 254 -24.77 -5.99 26.32
N LEU A 255 -24.97 -7.20 26.87
CA LEU A 255 -24.66 -8.43 26.16
C LEU A 255 -25.75 -8.78 25.17
N GLY A 256 -25.40 -9.64 24.22
CA GLY A 256 -26.43 -10.44 23.55
C GLY A 256 -26.56 -10.32 22.07
N ASP A 257 -25.57 -9.75 21.38
CA ASP A 257 -25.62 -9.75 19.92
C ASP A 257 -25.40 -11.15 19.38
N THR A 258 -26.08 -11.45 18.29
CA THR A 258 -25.76 -12.63 17.49
C THR A 258 -25.77 -12.17 16.05
N PRO A 259 -24.63 -11.74 15.54
CA PRO A 259 -24.60 -11.14 14.21
C PRO A 259 -25.11 -12.12 13.17
N SER A 260 -26.05 -11.66 12.37
CA SER A 260 -26.76 -12.50 11.42
C SER A 260 -26.69 -11.86 10.05
N GLY A 261 -26.41 -12.66 9.05
CA GLY A 261 -26.38 -12.21 7.67
C GLY A 261 -26.68 -13.37 6.73
N ASP A 262 -26.37 -13.21 5.45
CA ASP A 262 -26.66 -14.26 4.48
C ASP A 262 -25.82 -15.51 4.71
N LYS A 263 -26.39 -16.66 4.33
CA LYS A 263 -25.59 -17.86 4.19
C LYS A 263 -24.42 -17.59 3.25
N PRO A 264 -23.20 -18.02 3.59
CA PRO A 264 -22.08 -17.82 2.68
C PRO A 264 -22.33 -18.50 1.33
N ARG A 265 -21.89 -17.84 0.25
CA ARG A 265 -22.13 -18.38 -1.09
C ARG A 265 -21.01 -19.26 -1.58
N TRP A 266 -19.93 -19.38 -0.81
CA TRP A 266 -18.79 -20.22 -1.14
C TRP A 266 -18.32 -20.91 0.16
N ASP A 267 -17.61 -22.00 -0.03
CA ASP A 267 -16.93 -22.69 1.05
C ASP A 267 -15.74 -21.90 1.53
N HIS A 268 -15.24 -22.27 2.71
CA HIS A 268 -13.98 -21.68 3.18
C HIS A 268 -12.87 -22.00 2.19
N TYR A 269 -11.95 -21.06 2.06
CA TYR A 269 -10.72 -21.31 1.30
C TYR A 269 -9.91 -22.40 1.99
N ARG A 270 -9.50 -23.40 1.22
CA ARG A 270 -8.75 -24.53 1.75
C ARG A 270 -7.32 -24.47 1.22
N PRO A 271 -6.32 -24.17 2.05
CA PRO A 271 -4.93 -24.23 1.60
C PRO A 271 -4.49 -25.68 1.40
N VAL A 272 -3.39 -25.85 0.69
CA VAL A 272 -2.82 -27.19 0.48
C VAL A 272 -1.87 -27.48 1.64
N PRO A 273 -1.48 -28.73 1.83
CA PRO A 273 -0.53 -29.05 2.92
C PRO A 273 0.76 -28.26 2.77
N GLY A 274 1.24 -27.75 3.90
CA GLY A 274 2.47 -26.97 3.92
C GLY A 274 2.38 -25.58 3.31
N GLN A 275 1.22 -25.18 2.80
CA GLN A 275 1.09 -23.84 2.21
C GLN A 275 1.40 -22.78 3.25
N ARG A 276 2.08 -21.72 2.80
CA ARG A 276 2.56 -20.67 3.66
C ARG A 276 1.90 -19.36 3.29
N TYR A 277 1.52 -18.60 4.30
CA TYR A 277 1.01 -17.25 4.11
C TYR A 277 2.18 -16.27 4.16
N VAL A 278 2.42 -15.61 3.04
CA VAL A 278 3.43 -14.56 2.95
C VAL A 278 2.70 -13.25 2.72
N PRO A 279 2.55 -12.40 3.73
CA PRO A 279 1.80 -11.14 3.50
C PRO A 279 2.47 -10.27 2.44
N ASP A 280 1.64 -9.59 1.65
CA ASP A 280 2.16 -8.68 0.64
C ASP A 280 2.67 -7.37 1.26
N TRP A 281 2.18 -7.02 2.46
CA TRP A 281 2.56 -5.77 3.12
C TRP A 281 3.31 -6.06 4.42
N VAL A 282 4.35 -5.26 4.69
CA VAL A 282 5.18 -5.49 5.86
C VAL A 282 4.44 -5.11 7.13
N ASN A 283 4.52 -5.99 8.12
CA ASN A 283 4.30 -5.67 9.53
C ASN A 283 5.57 -6.08 10.29
N ALA A 284 5.94 -5.31 11.30
CA ALA A 284 7.07 -5.69 12.15
C ALA A 284 6.77 -6.98 12.88
N LYS A 285 7.82 -7.71 13.23
CA LYS A 285 7.66 -8.97 13.96
C LYS A 285 7.61 -8.74 15.47
N GLU A 286 7.95 -7.54 15.92
CA GLU A 286 8.05 -7.21 17.32
CA GLU A 286 8.05 -7.21 17.32
C GLU A 286 7.31 -5.90 17.54
N ALA A 287 6.47 -5.87 18.57
CA ALA A 287 5.82 -4.60 18.92
C ALA A 287 6.69 -3.87 19.93
N TYR A 288 6.10 -3.05 20.78
CA TYR A 288 6.86 -2.24 21.73
C TYR A 288 7.02 -2.93 23.10
N ASP B 3 4.19 29.55 25.73
CA ASP B 3 5.01 30.75 25.96
C ASP B 3 4.29 32.01 25.46
N ILE B 4 3.13 31.82 24.82
CA ILE B 4 2.27 32.93 24.43
C ILE B 4 1.13 33.02 25.43
N ILE B 5 0.99 34.19 26.05
CA ILE B 5 -0.03 34.44 27.09
C ILE B 5 -1.28 35.00 26.43
N THR B 6 -2.44 34.37 26.71
CA THR B 6 -3.72 34.71 26.07
C THR B 6 -4.86 34.58 27.09
N THR B 7 -5.00 35.58 27.97
CA THR B 7 -5.93 35.51 29.09
C THR B 7 -7.12 36.48 28.99
N ALA B 8 -7.28 37.19 27.88
CA ALA B 8 -8.30 38.24 27.80
C ALA B 8 -9.69 37.67 27.63
N PHE B 9 -9.87 36.73 26.71
CA PHE B 9 -11.17 36.21 26.36
C PHE B 9 -11.39 34.83 26.97
N GLU B 10 -12.64 34.35 26.88
CA GLU B 10 -12.97 32.98 27.22
C GLU B 10 -12.65 32.07 26.04
N VAL B 11 -11.71 31.14 26.24
CA VAL B 11 -11.17 30.31 25.16
C VAL B 11 -11.56 28.87 25.44
N ARG B 12 -12.13 28.20 24.45
CA ARG B 12 -12.51 26.79 24.59
C ARG B 12 -11.80 25.97 23.53
N PRO B 13 -10.69 25.31 23.87
CA PRO B 13 -9.96 24.53 22.88
C PRO B 13 -10.79 23.36 22.39
N LEU B 14 -10.60 23.02 21.12
CA LEU B 14 -11.33 21.91 20.51
CA LEU B 14 -11.33 21.91 20.51
C LEU B 14 -10.65 20.58 20.78
N THR B 15 -9.36 20.48 20.47
CA THR B 15 -8.59 19.27 20.73
C THR B 15 -7.24 19.69 21.30
N SER B 16 -6.48 18.71 21.78
CA SER B 16 -5.14 19.03 22.26
C SER B 16 -4.26 19.58 21.16
N ALA B 17 -4.44 19.09 19.94
CA ALA B 17 -3.55 19.46 18.85
C ALA B 17 -3.76 20.91 18.41
N LEU B 18 -4.99 21.34 18.22
CA LEU B 18 -5.23 22.67 17.67
C LEU B 18 -6.70 23.00 17.76
N GLY B 19 -7.01 24.28 17.48
CA GLY B 19 -8.38 24.75 17.37
C GLY B 19 -8.88 25.32 18.67
N ALA B 20 -9.49 26.50 18.65
CA ALA B 20 -10.11 27.03 19.84
C ALA B 20 -11.22 27.99 19.48
N GLU B 21 -12.32 27.88 20.19
CA GLU B 21 -13.46 28.77 20.01
C GLU B 21 -13.33 29.92 21.00
N ILE B 22 -13.45 31.15 20.50
CA ILE B 22 -13.19 32.35 21.30
C ILE B 22 -14.52 33.05 21.58
N HIS B 23 -14.85 33.19 22.86
CA HIS B 23 -16.09 33.84 23.28
C HIS B 23 -15.83 35.22 23.86
N GLY B 24 -16.83 36.09 23.77
CA GLY B 24 -16.72 37.45 24.27
C GLY B 24 -16.11 38.43 23.29
N VAL B 25 -16.05 38.07 22.02
CA VAL B 25 -15.38 38.84 20.98
C VAL B 25 -16.46 39.43 20.07
N ARG B 26 -16.35 40.71 19.76
CA ARG B 26 -17.16 41.35 18.75
C ARG B 26 -16.21 41.87 17.68
N LEU B 27 -16.22 41.23 16.51
CA LEU B 27 -15.28 41.63 15.47
C LEU B 27 -15.64 43.00 14.89
N GLU B 28 -16.93 43.34 14.86
CA GLU B 28 -17.36 44.54 14.13
C GLU B 28 -16.52 45.78 14.46
N ASP B 29 -16.35 46.10 15.73
CA ASP B 29 -15.53 47.27 16.06
C ASP B 29 -14.39 46.88 17.01
N ILE B 30 -13.72 45.78 16.68
CA ILE B 30 -12.66 45.28 17.54
C ILE B 30 -11.59 46.33 17.75
N THR B 31 -11.07 46.41 18.96
CA THR B 31 -9.98 47.33 19.27
C THR B 31 -8.63 46.74 18.86
N ASP B 32 -7.61 47.61 18.81
CA ASP B 32 -6.27 47.12 18.47
C ASP B 32 -5.76 46.12 19.51
N ALA B 33 -6.04 46.38 20.79
CA ALA B 33 -5.62 45.45 21.84
C ALA B 33 -6.32 44.10 21.70
N ASP B 34 -7.62 44.11 21.41
CA ASP B 34 -8.33 42.85 21.23
C ASP B 34 -7.86 42.11 20.00
N PHE B 35 -7.52 42.84 18.92
CA PHE B 35 -6.96 42.16 17.77
C PHE B 35 -5.62 41.51 18.08
N ALA B 36 -4.74 42.22 18.80
CA ALA B 36 -3.45 41.61 19.15
C ALA B 36 -3.64 40.31 19.92
N GLU B 37 -4.65 40.25 20.78
CA GLU B 37 -4.92 39.02 21.50
C GLU B 37 -5.40 37.92 20.57
N LEU B 38 -6.28 38.26 19.61
CA LEU B 38 -6.71 37.24 18.65
C LEU B 38 -5.53 36.72 17.84
N ARG B 39 -4.61 37.60 17.45
CA ARG B 39 -3.45 37.17 16.70
C ARG B 39 -2.57 36.22 17.53
N ARG B 40 -2.38 36.52 18.81
CA ARG B 40 -1.67 35.59 19.69
C ARG B 40 -2.40 34.25 19.78
N LEU B 41 -3.74 34.26 19.90
CA LEU B 41 -4.50 33.02 19.97
C LEU B 41 -4.34 32.21 18.67
N LEU B 42 -4.28 32.90 17.54
CA LEU B 42 -4.03 32.22 16.25
C LEU B 42 -2.65 31.58 16.20
N LEU B 43 -1.60 32.26 16.68
CA LEU B 43 -0.28 31.64 16.71
C LEU B 43 -0.22 30.49 17.70
N LYS B 44 -1.05 30.51 18.73
CA LYS B 44 -1.05 29.45 19.72
C LYS B 44 -1.88 28.25 19.27
N HIS B 45 -3.02 28.50 18.64
CA HIS B 45 -4.01 27.46 18.39
C HIS B 45 -4.18 27.10 16.91
N LEU B 46 -3.56 27.85 16.00
CA LEU B 46 -3.47 27.57 14.57
C LEU B 46 -4.75 27.83 13.79
N VAL B 47 -5.91 27.53 14.35
CA VAL B 47 -7.21 27.91 13.79
C VAL B 47 -8.10 28.31 14.96
N ILE B 48 -8.74 29.46 14.85
CA ILE B 48 -9.65 29.92 15.89
C ILE B 48 -11.03 30.18 15.28
N PHE B 49 -12.06 30.02 16.12
CA PHE B 49 -13.45 30.09 15.71
C PHE B 49 -14.14 31.14 16.55
N ILE B 50 -14.81 32.08 15.89
CA ILE B 50 -15.47 33.20 16.54
C ILE B 50 -16.95 33.08 16.26
N PRO B 51 -17.75 32.62 17.22
CA PRO B 51 -19.19 32.45 16.96
C PRO B 51 -19.96 33.76 17.08
N ASP B 52 -21.18 33.71 16.51
CA ASP B 52 -22.21 34.74 16.74
C ASP B 52 -21.85 36.07 16.09
N GLN B 53 -21.24 36.05 14.90
CA GLN B 53 -20.84 37.30 14.25
C GLN B 53 -21.74 37.66 13.07
N GLU B 54 -23.00 37.18 13.07
CA GLU B 54 -23.94 37.55 12.03
C GLU B 54 -23.96 39.07 11.84
N GLY B 55 -24.02 39.50 10.58
CA GLY B 55 -24.14 40.91 10.26
C GLY B 55 -22.83 41.67 10.19
N TRP B 56 -21.70 41.00 10.36
CA TRP B 56 -20.38 41.63 10.30
C TRP B 56 -20.23 42.41 8.99
N SER B 57 -19.95 43.72 9.11
CA SER B 57 -19.98 44.57 7.93
C SER B 57 -18.79 44.30 7.02
N ALA B 58 -18.98 44.58 5.71
CA ALA B 58 -17.94 44.30 4.73
C ALA B 58 -16.70 45.14 4.97
N GLU B 59 -16.91 46.43 5.28
CA GLU B 59 -15.76 47.29 5.55
C GLU B 59 -14.99 46.78 6.77
N SER B 60 -15.70 46.27 7.77
CA SER B 60 -15.01 45.80 8.97
C SER B 60 -14.30 44.48 8.70
N ARG B 61 -14.92 43.60 7.90
CA ARG B 61 -14.27 42.34 7.55
C ARG B 61 -12.97 42.57 6.79
N ILE B 62 -12.97 43.52 5.87
CA ILE B 62 -11.79 43.84 5.07
C ILE B 62 -10.71 44.45 5.95
N ALA B 63 -11.10 45.38 6.82
CA ALA B 63 -10.10 46.00 7.68
C ALA B 63 -9.48 44.96 8.60
N PHE B 64 -10.30 44.03 9.09
CA PHE B 64 -9.79 42.95 9.94
C PHE B 64 -8.74 42.11 9.20
N GLY B 65 -9.07 41.68 7.98
CA GLY B 65 -8.10 40.94 7.19
C GLY B 65 -6.84 41.73 6.94
N ARG B 66 -6.97 43.03 6.66
CA ARG B 66 -5.81 43.84 6.35
C ARG B 66 -4.88 44.02 7.54
N ARG B 67 -5.37 43.80 8.76
CA ARG B 67 -4.46 43.81 9.91
C ARG B 67 -3.42 42.71 9.80
N PHE B 68 -3.70 41.65 9.05
CA PHE B 68 -2.76 40.55 8.86
C PHE B 68 -1.86 40.73 7.64
N GLY B 69 -2.31 41.41 6.61
CA GLY B 69 -1.52 41.55 5.40
C GLY B 69 -2.38 41.98 4.21
N GLU B 70 -1.78 41.91 3.03
CA GLU B 70 -2.47 42.24 1.80
C GLU B 70 -3.49 41.16 1.48
N LEU B 71 -4.64 41.57 0.96
CA LEU B 71 -5.73 40.64 0.68
C LEU B 71 -5.80 40.30 -0.81
N GLU B 72 -6.13 39.06 -1.10
CA GLU B 72 -6.25 38.61 -2.48
C GLU B 72 -7.49 39.20 -3.13
N GLU B 73 -7.34 39.58 -4.40
CA GLU B 73 -8.45 40.07 -5.23
C GLU B 73 -8.45 39.29 -6.54
N HIS B 74 -9.59 38.69 -6.88
CA HIS B 74 -9.71 37.99 -8.15
C HIS B 74 -11.18 37.69 -8.47
N TYR B 76 -10.43 35.38 -10.52
CA TYR B 76 -11.58 34.73 -11.15
C TYR B 76 -12.39 33.94 -10.12
N LEU B 77 -13.37 34.63 -9.49
CA LEU B 77 -14.23 34.04 -8.47
C LEU B 77 -15.24 35.11 -8.06
N PRO B 78 -16.51 34.76 -7.80
CA PRO B 78 -17.49 35.79 -7.45
C PRO B 78 -17.14 36.45 -6.12
N HIS B 79 -17.59 37.69 -5.98
CA HIS B 79 -17.28 38.48 -4.80
C HIS B 79 -18.45 39.40 -4.48
N LEU B 80 -18.47 39.92 -3.25
CA LEU B 80 -19.48 40.89 -2.87
C LEU B 80 -19.37 42.15 -3.73
N ASP B 81 -20.53 42.70 -4.09
CA ASP B 81 -20.63 43.98 -4.77
C ASP B 81 -19.80 45.05 -4.09
N GLY B 82 -18.83 45.59 -4.82
CA GLY B 82 -17.98 46.67 -4.33
C GLY B 82 -16.79 46.23 -3.51
N HIS B 83 -16.57 44.93 -3.35
CA HIS B 83 -15.51 44.42 -2.47
C HIS B 83 -14.86 43.21 -3.11
N PRO B 84 -13.92 43.43 -4.04
CA PRO B 84 -13.25 42.29 -4.70
C PRO B 84 -12.51 41.39 -3.73
N GLN B 85 -12.22 41.87 -2.52
CA GLN B 85 -11.49 41.11 -1.52
C GLN B 85 -12.38 40.10 -0.78
N ILE B 86 -13.70 40.21 -0.90
CA ILE B 86 -14.61 39.33 -0.16
C ILE B 86 -15.14 38.33 -1.17
N GLN B 87 -14.57 37.13 -1.14
CA GLN B 87 -14.93 36.06 -2.06
C GLN B 87 -16.18 35.34 -1.60
N ILE B 88 -17.02 34.97 -2.56
CA ILE B 88 -18.21 34.15 -2.28
C ILE B 88 -17.89 32.70 -2.62
N ILE B 89 -18.02 31.82 -1.63
CA ILE B 89 -17.80 30.39 -1.79
C ILE B 89 -19.18 29.74 -1.83
N ASP B 90 -19.43 28.90 -2.83
CA ASP B 90 -20.76 28.33 -3.00
C ASP B 90 -20.63 26.87 -3.43
N SER B 91 -21.27 25.98 -2.66
CA SER B 91 -21.23 24.55 -2.97
C SER B 91 -21.77 24.26 -4.37
N GLU B 92 -22.76 25.04 -4.82
CA GLU B 92 -23.32 24.87 -6.15
C GLU B 92 -22.36 25.31 -7.25
N GLN B 93 -21.23 25.93 -6.91
CA GLN B 93 -20.25 26.35 -7.91
C GLN B 93 -18.83 26.15 -7.39
N LYS B 96 -15.85 22.04 -4.91
CA LYS B 96 -15.93 21.24 -3.68
C LYS B 96 -15.23 19.89 -3.85
N ILE B 97 -14.16 19.66 -3.07
CA ILE B 97 -13.44 18.39 -3.15
C ILE B 97 -12.90 17.99 -1.77
N PRO B 98 -13.24 16.80 -1.29
CA PRO B 98 -12.79 16.39 0.05
C PRO B 98 -11.37 15.84 -0.03
N ILE B 99 -10.40 16.69 0.24
CA ILE B 99 -8.98 16.27 0.15
C ILE B 99 -8.19 17.14 1.10
N TRP B 100 -7.23 16.53 1.80
CA TRP B 100 -6.38 17.32 2.66
C TRP B 100 -5.48 18.23 1.85
N HIS B 101 -5.44 19.51 2.22
CA HIS B 101 -4.65 20.43 1.45
C HIS B 101 -4.19 21.58 2.33
N THR B 102 -3.16 22.25 1.85
CA THR B 102 -2.75 23.59 2.33
C THR B 102 -2.96 24.51 1.16
N ASP B 103 -3.55 25.69 1.41
CA ASP B 103 -4.02 26.50 0.29
C ASP B 103 -2.88 26.94 -0.64
N MET B 104 -3.06 26.68 -1.94
CA MET B 104 -2.29 27.27 -3.04
C MET B 104 -0.78 27.07 -2.88
N THR B 105 -0.35 25.88 -2.40
CA THR B 105 1.07 25.65 -2.23
C THR B 105 1.78 25.39 -3.55
N TYR B 106 1.04 25.28 -4.64
CA TYR B 106 1.59 25.28 -5.98
C TYR B 106 2.08 26.64 -6.43
N ALA B 107 1.86 27.69 -5.60
CA ALA B 107 2.37 29.05 -5.89
C ALA B 107 3.65 29.29 -5.10
N PRO B 108 4.59 30.07 -5.65
CA PRO B 108 5.78 30.43 -4.88
C PRO B 108 5.46 31.14 -3.57
N ASN B 109 4.39 31.94 -3.54
CA ASN B 109 3.94 32.63 -2.31
C ASN B 109 2.49 32.27 -2.01
N PRO B 110 2.28 31.20 -1.27
CA PRO B 110 0.92 30.82 -0.85
C PRO B 110 0.39 31.84 0.14
N PRO B 111 -0.91 31.82 0.41
CA PRO B 111 -1.44 32.72 1.45
C PRO B 111 -0.90 32.39 2.83
N ILE B 112 -0.87 33.41 3.70
N ILE B 112 -0.84 33.46 3.65
CA ILE B 112 -0.53 33.14 5.09
CA ILE B 112 -0.58 33.31 5.08
C ILE B 112 -1.76 32.74 5.92
C ILE B 112 -1.74 32.62 5.79
N GLY B 113 -2.96 32.97 5.43
CA GLY B 113 -4.14 32.45 6.11
C GLY B 113 -5.40 33.00 5.49
N SER B 114 -6.52 32.60 6.08
CA SER B 114 -7.82 33.01 5.59
C SER B 114 -8.79 33.26 6.74
N VAL B 115 -9.83 34.03 6.45
CA VAL B 115 -10.95 34.28 7.32
C VAL B 115 -12.21 33.87 6.58
N LEU B 116 -12.93 32.89 7.11
CA LEU B 116 -14.09 32.31 6.42
C LEU B 116 -15.29 32.30 7.34
N GLN B 117 -16.43 32.73 6.81
CA GLN B 117 -17.69 32.71 7.54
C GLN B 117 -18.72 32.01 6.67
N ILE B 118 -19.29 30.92 7.19
CA ILE B 118 -20.34 30.20 6.47
C ILE B 118 -21.66 30.90 6.79
N VAL B 119 -22.32 31.43 5.75
CA VAL B 119 -23.52 32.22 5.94
C VAL B 119 -24.79 31.43 5.61
N ASP B 120 -24.71 30.38 4.78
CA ASP B 120 -25.84 29.52 4.48
C ASP B 120 -25.38 28.07 4.49
N GLY B 121 -26.08 27.24 5.27
CA GLY B 121 -25.77 25.82 5.30
C GLY B 121 -26.68 25.04 6.25
N PRO B 122 -26.58 23.72 6.19
CA PRO B 122 -27.42 22.88 7.07
C PRO B 122 -26.95 22.94 8.52
N ALA B 123 -27.79 22.40 9.40
CA ALA B 123 -27.45 22.36 10.82
C ALA B 123 -26.40 21.31 11.12
N GLN B 124 -26.34 20.26 10.29
CA GLN B 124 -25.24 19.30 10.34
C GLN B 124 -24.82 18.98 8.91
N GLY B 125 -23.61 18.51 8.79
CA GLY B 125 -23.02 18.28 7.48
C GLY B 125 -22.06 19.41 7.12
N GLY B 126 -21.05 19.06 6.36
CA GLY B 126 -20.12 20.05 5.85
C GLY B 126 -19.11 20.53 6.85
N ASP B 127 -18.77 19.71 7.85
CA ASP B 127 -17.71 20.10 8.76
C ASP B 127 -16.41 20.37 8.01
N THR B 128 -15.53 21.14 8.65
CA THR B 128 -14.17 21.32 8.16
C THR B 128 -13.23 20.83 9.24
N MET B 129 -12.20 20.07 8.82
CA MET B 129 -11.12 19.64 9.70
C MET B 129 -9.84 20.40 9.39
N TRP B 130 -9.04 20.67 10.43
CA TRP B 130 -7.69 21.19 10.30
C TRP B 130 -6.72 20.24 10.99
N SER B 131 -5.46 20.28 10.54
CA SER B 131 -4.41 19.47 11.12
C SER B 131 -3.22 20.34 11.45
N ASN B 132 -2.46 19.91 12.47
CA ASN B 132 -1.34 20.65 13.01
C ASN B 132 -0.02 20.10 12.42
N GLN B 133 0.57 20.87 11.50
CA GLN B 133 1.80 20.44 10.83
C GLN B 133 3.06 20.56 11.69
N TYR B 134 3.01 21.32 12.79
CA TYR B 134 4.07 21.23 13.77
C TYR B 134 4.14 19.84 14.37
N LEU B 135 2.99 19.33 14.82
CA LEU B 135 2.96 18.02 15.47
C LEU B 135 3.27 16.90 14.50
N ALA B 136 2.86 17.06 13.24
CA ALA B 136 3.16 16.08 12.19
C ALA B 136 4.68 15.92 12.03
N TYR B 137 5.42 17.03 12.05
CA TYR B 137 6.88 16.94 11.96
C TYR B 137 7.48 16.41 13.27
N GLU B 138 7.07 16.99 14.39
CA GLU B 138 7.66 16.61 15.67
C GLU B 138 7.41 15.16 16.01
N GLY B 139 6.33 14.57 15.48
CA GLY B 139 6.01 13.17 15.76
C GLY B 139 6.78 12.16 14.96
N LEU B 140 7.55 12.61 13.98
CA LEU B 140 8.49 11.76 13.25
C LEU B 140 9.72 11.50 14.11
N SER B 141 10.28 10.31 13.93
N SER B 141 10.28 10.31 13.93
CA SER B 141 11.48 9.96 14.67
CA SER B 141 11.49 9.94 14.64
C SER B 141 12.66 10.79 14.17
C SER B 141 12.67 10.80 14.17
N ALA B 142 13.69 10.88 15.01
CA ALA B 142 14.84 11.75 14.69
C ALA B 142 15.52 11.48 13.35
N PRO B 143 15.73 10.23 12.92
CA PRO B 143 16.39 10.05 11.62
C PRO B 143 15.55 10.60 10.50
N LEU B 144 14.21 10.46 10.61
CA LEU B 144 13.35 10.96 9.54
CA LEU B 144 13.34 10.95 9.54
C LEU B 144 13.24 12.48 9.57
N ARG B 145 13.18 13.09 10.76
CA ARG B 145 13.22 14.55 10.79
C ARG B 145 14.49 15.06 10.15
N ASP B 146 15.63 14.42 10.44
N ASP B 146 15.63 14.43 10.48
CA ASP B 146 16.89 14.87 9.88
CA ASP B 146 16.92 14.84 9.90
C ASP B 146 16.91 14.74 8.36
C ASP B 146 16.91 14.74 8.38
N LEU B 147 16.35 13.64 7.83
CA LEU B 147 16.23 13.50 6.38
C LEU B 147 15.38 14.64 5.80
N LEU B 148 14.16 14.83 6.35
CA LEU B 148 13.26 15.79 5.75
C LEU B 148 13.79 17.21 5.80
N ASP B 149 14.54 17.53 6.84
CA ASP B 149 15.10 18.89 6.97
C ASP B 149 15.92 19.30 5.74
N GLY B 150 16.54 18.34 5.05
CA GLY B 150 17.36 18.61 3.90
C GLY B 150 16.70 18.43 2.55
N LEU B 151 15.39 18.21 2.52
CA LEU B 151 14.67 17.95 1.27
C LEU B 151 13.75 19.13 0.88
N THR B 152 13.47 19.23 -0.41
CA THR B 152 12.42 20.11 -0.94
C THR B 152 11.43 19.29 -1.75
N ALA B 153 10.27 19.88 -2.04
CA ALA B 153 9.27 19.22 -2.87
C ALA B 153 8.68 20.21 -3.85
N VAL B 154 8.33 19.67 -5.01
CA VAL B 154 7.60 20.40 -6.04
C VAL B 154 6.11 20.23 -5.78
N HIS B 155 5.40 21.34 -5.79
CA HIS B 155 3.94 21.42 -5.68
C HIS B 155 3.43 21.97 -7.00
N SER B 156 2.33 21.41 -7.51
CA SER B 156 1.91 21.84 -8.84
C SER B 156 0.41 21.67 -9.02
N ILE B 157 -0.12 22.38 -9.99
CA ILE B 157 -1.50 22.22 -10.42
C ILE B 157 -1.53 22.42 -11.92
N HIS B 158 -2.37 21.64 -12.62
CA HIS B 158 -2.52 21.79 -14.06
C HIS B 158 -4.01 21.57 -14.34
N ILE B 159 -4.75 22.67 -14.38
CA ILE B 159 -6.17 22.63 -14.72
C ILE B 159 -6.41 23.67 -15.80
N PRO B 160 -7.53 23.56 -16.53
CA PRO B 160 -7.86 24.59 -17.52
C PRO B 160 -7.78 25.99 -16.94
N GLY B 161 -6.90 26.83 -17.49
CA GLY B 161 -6.79 28.20 -17.05
C GLY B 161 -5.88 28.45 -15.86
N LEU B 162 -5.28 27.40 -15.29
CA LEU B 162 -4.36 27.58 -14.18
C LEU B 162 -3.28 26.52 -14.27
N ASP B 163 -2.05 26.96 -14.50
CA ASP B 163 -0.88 26.08 -14.55
C ASP B 163 0.18 26.71 -13.67
N SER B 164 0.58 26.02 -12.61
CA SER B 164 1.51 26.63 -11.66
C SER B 164 2.33 25.55 -10.96
N GLN B 165 3.60 25.86 -10.71
CA GLN B 165 4.36 24.98 -9.85
C GLN B 165 5.36 25.79 -9.04
N ALA B 166 5.77 25.21 -7.92
CA ALA B 166 6.67 25.89 -7.01
C ALA B 166 7.44 24.83 -6.23
N GLU B 167 8.66 25.17 -5.83
CA GLU B 167 9.48 24.27 -5.02
C GLU B 167 9.61 24.86 -3.62
N HIS B 168 9.27 24.07 -2.60
CA HIS B 168 9.23 24.50 -1.22
C HIS B 168 10.00 23.53 -0.35
N PRO B 169 10.58 24.00 0.75
CA PRO B 169 11.14 23.07 1.74
C PRO B 169 10.10 22.09 2.23
N VAL B 170 10.53 20.86 2.46
CA VAL B 170 9.62 19.88 3.08
C VAL B 170 9.32 20.24 4.53
N VAL B 171 10.27 20.89 5.22
CA VAL B 171 10.12 21.36 6.59
C VAL B 171 10.39 22.86 6.59
N ARG B 172 9.38 23.64 6.96
CA ARG B 172 9.50 25.09 7.01
C ARG B 172 9.50 25.55 8.45
N VAL B 173 10.14 26.69 8.66
N VAL B 173 10.10 26.73 8.68
CA VAL B 173 10.04 27.37 9.94
CA VAL B 173 10.07 27.37 9.99
C VAL B 173 8.85 28.34 9.84
C VAL B 173 9.03 28.49 9.96
N HIS B 174 8.07 28.45 10.90
CA HIS B 174 7.10 29.54 10.98
C HIS B 174 7.82 30.85 11.28
N PRO B 175 7.71 31.88 10.44
CA PRO B 175 8.54 33.07 10.67
C PRO B 175 8.27 33.77 11.99
N GLU B 176 7.09 33.58 12.57
CA GLU B 176 6.70 34.34 13.75
C GLU B 176 6.71 33.52 15.02
N THR B 177 6.89 32.20 14.94
CA THR B 177 7.14 31.41 16.12
C THR B 177 8.52 30.77 16.17
N GLY B 178 9.17 30.58 15.03
CA GLY B 178 10.48 29.92 15.00
C GLY B 178 10.41 28.41 15.12
N ARG B 179 9.22 27.84 15.13
CA ARG B 179 8.99 26.41 15.24
C ARG B 179 8.83 25.78 13.85
N ARG B 180 9.32 24.55 13.72
CA ARG B 180 9.38 23.84 12.44
C ARG B 180 8.11 23.02 12.21
N ALA B 181 7.64 23.02 10.97
CA ALA B 181 6.40 22.34 10.58
C ALA B 181 6.58 21.63 9.24
N LEU B 182 5.91 20.47 9.11
CA LEU B 182 5.84 19.82 7.83
C LEU B 182 5.19 20.74 6.81
N PHE B 183 5.67 20.68 5.56
CA PHE B 183 5.10 21.50 4.50
C PHE B 183 4.92 20.67 3.23
N VAL B 184 4.17 19.58 3.36
CA VAL B 184 3.65 18.85 2.21
C VAL B 184 2.17 18.56 2.50
N ASN B 185 1.39 18.41 1.43
CA ASN B 185 -0.04 18.14 1.52
C ASN B 185 -0.47 17.33 0.32
N ARG B 186 -1.46 16.46 0.55
CA ARG B 186 -1.90 15.51 -0.47
CA ARG B 186 -1.84 15.50 -0.48
C ARG B 186 -2.34 16.19 -1.75
N ALA B 187 -3.12 17.28 -1.62
CA ALA B 187 -3.73 17.87 -2.80
C ALA B 187 -2.71 18.42 -3.79
N HIS B 188 -1.74 19.17 -3.31
CA HIS B 188 -0.92 19.97 -4.20
C HIS B 188 0.53 19.55 -4.29
N THR B 189 1.04 18.80 -3.34
CA THR B 189 2.43 18.34 -3.46
C THR B 189 2.51 17.26 -4.53
N SER B 190 3.52 17.35 -5.40
CA SER B 190 3.77 16.37 -6.44
C SER B 190 4.81 15.32 -6.02
N HIS B 191 6.01 15.76 -5.72
CA HIS B 191 7.12 14.86 -5.48
C HIS B 191 8.24 15.59 -4.76
N ILE B 192 9.02 14.81 -4.03
CA ILE B 192 10.23 15.29 -3.39
C ILE B 192 11.34 15.36 -4.41
N ALA B 193 12.09 16.49 -4.42
CA ALA B 193 12.94 16.80 -5.56
C ALA B 193 14.24 16.02 -5.59
N GLN B 194 14.77 15.67 -4.42
CA GLN B 194 16.08 14.99 -4.30
C GLN B 194 15.99 13.47 -4.30
N LEU B 195 14.79 12.91 -4.29
CA LEU B 195 14.55 11.47 -4.37
C LEU B 195 14.10 11.11 -5.79
N ASN B 196 14.19 9.83 -6.14
CA ASN B 196 13.52 9.46 -7.38
C ASN B 196 12.01 9.36 -7.09
N ARG B 197 11.23 9.28 -8.16
CA ARG B 197 9.77 9.45 -8.00
C ARG B 197 9.17 8.32 -7.16
N ASN B 198 9.71 7.11 -7.29
CA ASN B 198 9.17 5.97 -6.57
C ASN B 198 9.46 6.07 -5.08
N GLU B 199 10.69 6.45 -4.73
CA GLU B 199 11.01 6.74 -3.33
C GLU B 199 10.12 7.87 -2.80
N SER B 200 9.97 8.94 -3.59
CA SER B 200 9.12 10.06 -3.19
C SER B 200 7.71 9.60 -2.89
N ASP B 201 7.11 8.82 -3.78
CA ASP B 201 5.74 8.32 -3.55
C ASP B 201 5.61 7.60 -2.21
N ALA B 202 6.57 6.71 -1.91
CA ALA B 202 6.52 5.94 -0.67
C ALA B 202 6.59 6.83 0.54
N LEU B 203 7.51 7.78 0.55
CA LEU B 203 7.67 8.66 1.69
C LEU B 203 6.48 9.59 1.84
N LEU B 204 6.05 10.22 0.76
CA LEU B 204 4.88 11.10 0.86
C LEU B 204 3.62 10.34 1.30
N GLN B 205 3.41 9.13 0.81
CA GLN B 205 2.26 8.34 1.26
C GLN B 205 2.27 8.19 2.78
N TYR B 206 3.44 7.88 3.35
CA TYR B 206 3.52 7.76 4.80
C TYR B 206 3.21 9.09 5.47
N LEU B 207 3.81 10.17 4.95
CA LEU B 207 3.68 11.48 5.58
C LEU B 207 2.25 11.99 5.51
N TYR B 208 1.57 11.80 4.37
CA TYR B 208 0.21 12.28 4.24
C TYR B 208 -0.69 11.62 5.28
N ARG B 209 -0.59 10.29 5.41
CA ARG B 209 -1.40 9.58 6.41
C ARG B 209 -1.03 9.98 7.85
N PHE B 210 0.26 9.97 8.18
CA PHE B 210 0.69 10.30 9.53
C PHE B 210 0.26 11.71 9.94
N SER B 211 0.41 12.68 9.03
CA SER B 211 0.19 14.09 9.33
C SER B 211 -1.28 14.42 9.57
N THR B 212 -2.21 13.55 9.16
CA THR B 212 -3.64 13.77 9.36
C THR B 212 -4.24 12.73 10.32
N SER B 213 -3.39 12.09 11.10
CA SER B 213 -3.80 11.26 12.23
C SER B 213 -4.79 12.04 13.10
N PRO B 214 -5.77 11.38 13.70
CA PRO B 214 -6.77 12.13 14.49
C PRO B 214 -6.17 12.83 15.70
N GLU B 215 -5.05 12.31 16.22
CA GLU B 215 -4.36 13.01 17.29
C GLU B 215 -3.78 14.38 16.90
N PHE B 216 -3.70 14.69 15.62
CA PHE B 216 -3.17 15.95 15.13
C PHE B 216 -4.23 16.87 14.54
N THR B 217 -5.53 16.49 14.63
CA THR B 217 -6.57 17.22 13.92
C THR B 217 -7.62 17.76 14.88
N CYS B 218 -8.46 18.64 14.34
CA CYS B 218 -9.71 19.03 14.98
C CYS B 218 -10.79 19.04 13.90
N ARG B 219 -12.05 18.97 14.33
CA ARG B 219 -13.21 18.91 13.43
C ARG B 219 -14.24 19.90 13.91
N TYR B 220 -14.56 20.88 13.06
CA TYR B 220 -15.46 21.97 13.42
C TYR B 220 -16.78 21.87 12.70
N GLN B 221 -17.87 21.96 13.48
CA GLN B 221 -19.24 22.02 12.97
C GLN B 221 -19.66 23.48 12.83
N TRP B 222 -19.91 23.90 11.61
CA TRP B 222 -20.27 25.29 11.34
C TRP B 222 -21.65 25.63 11.86
N ARG B 223 -21.75 26.80 12.50
CA ARG B 223 -23.07 27.33 12.87
C ARG B 223 -23.24 28.72 12.24
N PRO B 224 -24.46 29.12 11.95
CA PRO B 224 -24.66 30.44 11.33
C PRO B 224 -23.97 31.52 12.15
N GLY B 225 -23.27 32.41 11.46
CA GLY B 225 -22.54 33.45 12.13
C GLY B 225 -21.13 33.09 12.56
N SER B 226 -20.73 31.81 12.45
CA SER B 226 -19.39 31.40 12.87
C SER B 226 -18.34 31.88 11.87
N VAL B 227 -17.23 32.39 12.39
CA VAL B 227 -16.06 32.79 11.61
C VAL B 227 -14.90 31.88 11.99
N ALA B 228 -14.21 31.34 10.98
CA ALA B 228 -12.96 30.63 11.21
C ALA B 228 -11.81 31.42 10.62
N ILE B 229 -10.73 31.52 11.39
CA ILE B 229 -9.49 32.17 10.98
C ILE B 229 -8.39 31.14 11.15
N TRP B 230 -7.71 30.77 10.06
CA TRP B 230 -6.63 29.82 10.19
C TRP B 230 -5.33 30.32 9.61
N ASP B 231 -4.24 29.74 10.14
CA ASP B 231 -2.88 30.04 9.71
C ASP B 231 -2.48 28.98 8.66
N ASN B 232 -2.43 29.39 7.40
CA ASN B 232 -2.11 28.48 6.30
C ASN B 232 -0.65 28.07 6.27
N ARG B 233 0.20 28.68 7.10
CA ARG B 233 1.62 28.32 7.06
CA ARG B 233 1.61 28.31 7.05
C ARG B 233 1.90 26.97 7.70
N VAL B 234 1.06 26.56 8.66
CA VAL B 234 1.35 25.41 9.51
C VAL B 234 0.14 24.50 9.70
N THR B 235 -0.83 24.58 8.82
CA THR B 235 -1.99 23.68 8.87
C THR B 235 -2.23 23.07 7.51
N GLN B 236 -2.97 21.97 7.51
CA GLN B 236 -3.77 21.52 6.39
C GLN B 236 -5.25 21.60 6.79
N HIS B 237 -6.14 21.50 5.82
CA HIS B 237 -7.55 21.36 6.14
C HIS B 237 -8.27 20.51 5.10
N TYR B 238 -9.52 20.15 5.45
CA TYR B 238 -10.29 19.16 4.71
C TYR B 238 -11.76 19.50 4.87
N ALA B 239 -12.46 19.65 3.77
CA ALA B 239 -13.90 19.92 3.78
C ALA B 239 -14.67 18.62 3.63
N VAL B 240 -15.41 18.22 4.66
CA VAL B 240 -16.11 16.95 4.64
C VAL B 240 -17.27 17.02 3.64
N ASP B 241 -17.37 16.01 2.78
CA ASP B 241 -18.37 16.00 1.69
C ASP B 241 -19.49 15.04 2.05
N ASP B 242 -20.26 15.44 3.06
CA ASP B 242 -21.41 14.64 3.54
C ASP B 242 -22.73 15.38 3.46
N TYR B 243 -22.88 16.36 2.58
CA TYR B 243 -24.14 17.10 2.53
C TYR B 243 -24.56 17.38 1.09
N SER B 244 -25.88 17.56 0.91
CA SER B 244 -26.46 17.97 -0.36
C SER B 244 -27.07 19.36 -0.33
N GLU B 245 -27.31 19.95 0.84
CA GLU B 245 -27.96 21.24 0.93
C GLU B 245 -27.04 22.33 0.35
N HIS B 246 -27.61 23.51 0.17
CA HIS B 246 -26.84 24.65 -0.30
C HIS B 246 -25.95 25.16 0.82
N ARG B 247 -24.69 25.45 0.48
CA ARG B 247 -23.70 25.91 1.43
C ARG B 247 -23.00 27.13 0.82
N ARG B 248 -23.04 28.27 1.52
CA ARG B 248 -22.45 29.51 1.05
C ARG B 248 -21.59 30.17 2.13
N GLY B 249 -20.41 30.65 1.72
CA GLY B 249 -19.51 31.31 2.64
C GLY B 249 -18.93 32.58 2.04
N LEU B 250 -18.42 33.44 2.93
CA LEU B 250 -17.69 34.65 2.58
C LEU B 250 -16.26 34.51 3.08
N ARG B 251 -15.28 34.73 2.20
CA ARG B 251 -13.91 34.45 2.53
C ARG B 251 -13.00 35.61 2.17
N VAL B 252 -12.07 35.92 3.05
CA VAL B 252 -10.98 36.82 2.72
CA VAL B 252 -10.97 36.84 2.76
C VAL B 252 -9.67 36.06 2.92
N VAL B 253 -8.73 36.26 2.01
N VAL B 253 -8.75 36.27 1.99
CA VAL B 253 -7.51 35.47 1.96
CA VAL B 253 -7.52 35.49 1.90
C VAL B 253 -6.33 36.42 2.05
C VAL B 253 -6.34 36.46 2.06
N VAL B 254 -5.50 36.22 3.07
CA VAL B 254 -4.33 37.07 3.32
C VAL B 254 -3.14 36.50 2.57
N LEU B 255 -2.57 37.32 1.69
CA LEU B 255 -1.43 36.90 0.89
C LEU B 255 -0.11 37.02 1.67
N GLY B 256 0.92 36.35 1.16
CA GLY B 256 2.28 36.76 1.45
C GLY B 256 3.20 35.78 2.13
N ASP B 257 2.94 34.48 2.05
CA ASP B 257 3.83 33.50 2.67
C ASP B 257 5.05 33.27 1.77
N THR B 258 6.19 32.99 2.41
CA THR B 258 7.38 32.50 1.73
C THR B 258 7.92 31.34 2.56
N PRO B 259 7.54 30.11 2.22
CA PRO B 259 7.96 28.97 3.04
C PRO B 259 9.48 28.80 2.99
N SER B 260 10.12 28.85 4.16
CA SER B 260 11.57 28.83 4.23
C SER B 260 12.05 27.82 5.25
N GLY B 261 13.12 27.11 4.91
CA GLY B 261 13.74 26.15 5.80
C GLY B 261 15.22 26.03 5.52
N ASP B 262 15.78 24.87 5.84
CA ASP B 262 17.20 24.60 5.62
C ASP B 262 17.55 24.57 4.14
N LYS B 263 18.80 24.90 3.84
CA LYS B 263 19.33 24.63 2.52
C LYS B 263 19.26 23.14 2.24
N PRO B 264 18.83 22.70 1.05
CA PRO B 264 18.82 21.26 0.77
C PRO B 264 20.21 20.68 0.84
N ARG B 265 20.30 19.46 1.34
CA ARG B 265 21.61 18.84 1.54
C ARG B 265 22.03 18.00 0.37
N TRP B 266 21.19 17.89 -0.65
CA TRP B 266 21.48 17.09 -1.84
C TRP B 266 20.94 17.83 -3.06
N ASP B 267 21.52 17.53 -4.22
CA ASP B 267 21.06 18.04 -5.50
C ASP B 267 19.72 17.37 -5.86
N HIS B 268 19.01 17.97 -6.82
CA HIS B 268 17.84 17.28 -7.38
C HIS B 268 18.25 15.93 -7.97
N TYR B 269 17.35 14.96 -7.86
CA TYR B 269 17.50 13.70 -8.56
C TYR B 269 17.52 13.93 -10.07
N ARG B 270 18.49 13.32 -10.74
CA ARG B 270 18.64 13.46 -12.20
C ARG B 270 18.31 12.14 -12.88
N PRO B 271 17.21 12.02 -13.61
CA PRO B 271 16.94 10.81 -14.38
C PRO B 271 17.87 10.72 -15.57
N VAL B 272 18.05 9.51 -16.07
CA VAL B 272 18.86 9.30 -17.28
C VAL B 272 17.98 9.53 -18.50
N PRO B 273 18.55 9.69 -19.68
CA PRO B 273 17.73 9.92 -20.87
C PRO B 273 16.77 8.76 -21.12
N GLY B 274 15.52 9.10 -21.42
CA GLY B 274 14.49 8.11 -21.69
C GLY B 274 13.94 7.41 -20.46
N GLN B 275 14.48 7.69 -19.27
CA GLN B 275 14.00 7.02 -18.07
C GLN B 275 12.51 7.27 -17.88
N ARG B 276 11.80 6.22 -17.48
CA ARG B 276 10.36 6.25 -17.34
C ARG B 276 9.97 6.10 -15.87
N TYR B 277 8.95 6.84 -15.47
CA TYR B 277 8.37 6.72 -14.13
C TYR B 277 7.24 5.70 -14.19
N VAL B 278 7.42 4.58 -13.51
CA VAL B 278 6.38 3.56 -13.35
C VAL B 278 5.96 3.56 -11.89
N PRO B 279 4.81 4.12 -11.52
CA PRO B 279 4.42 4.14 -10.11
C PRO B 279 4.25 2.73 -9.56
N ASP B 280 4.65 2.55 -8.29
CA ASP B 280 4.46 1.26 -7.64
C ASP B 280 2.99 1.02 -7.25
N TRP B 281 2.20 2.08 -7.10
CA TRP B 281 0.79 1.97 -6.71
C TRP B 281 -0.10 2.46 -7.84
N VAL B 282 -1.23 1.75 -8.04
CA VAL B 282 -2.12 2.06 -9.15
C VAL B 282 -2.92 3.32 -8.87
N ASN B 283 -2.99 4.19 -9.88
CA ASN B 283 -4.03 5.21 -9.98
C ASN B 283 -4.71 5.00 -11.32
N ALA B 284 -6.01 5.27 -11.38
CA ALA B 284 -6.71 5.21 -12.65
C ALA B 284 -6.16 6.24 -13.61
N LYS B 285 -6.31 5.98 -14.90
N LYS B 285 -6.30 5.96 -14.91
CA LYS B 285 -5.90 6.95 -15.91
CA LYS B 285 -5.89 6.86 -15.98
C LYS B 285 -6.95 8.03 -16.11
C LYS B 285 -7.00 7.82 -16.39
N GLU B 286 -8.23 7.68 -15.95
N GLU B 286 -8.20 7.66 -15.84
CA GLU B 286 -9.35 8.57 -16.22
CA GLU B 286 -9.34 8.51 -16.13
C GLU B 286 -10.10 8.81 -14.92
C GLU B 286 -10.02 8.82 -14.81
N ALA B 287 -10.39 10.08 -14.62
CA ALA B 287 -11.18 10.44 -13.45
C ALA B 287 -12.66 10.41 -13.85
N TYR B 288 -13.48 11.17 -13.14
CA TYR B 288 -14.90 11.23 -13.42
C TYR B 288 -15.22 12.45 -14.30
N ASP C 3 -3.92 -31.71 -23.38
CA ASP C 3 -4.78 -32.31 -24.40
C ASP C 3 -4.20 -32.15 -25.81
N ILE C 4 -3.40 -31.11 -26.01
CA ILE C 4 -2.76 -30.87 -27.30
C ILE C 4 -1.49 -31.72 -27.40
N ILE C 5 -1.41 -32.55 -28.44
CA ILE C 5 -0.28 -33.44 -28.64
C ILE C 5 0.78 -32.75 -29.51
N THR C 6 2.04 -32.76 -29.05
CA THR C 6 3.13 -32.05 -29.73
C THR C 6 4.42 -32.87 -29.60
N THR C 7 4.59 -33.84 -30.50
CA THR C 7 5.71 -34.79 -30.42
C THR C 7 6.74 -34.69 -31.54
N ALA C 8 6.59 -33.75 -32.48
CA ALA C 8 7.49 -33.73 -33.64
C ALA C 8 8.89 -33.27 -33.25
N PHE C 9 9.01 -32.14 -32.57
CA PHE C 9 10.30 -31.53 -32.29
C PHE C 9 10.75 -31.84 -30.87
N GLU C 10 12.00 -31.46 -30.58
CA GLU C 10 12.52 -31.54 -29.22
C GLU C 10 12.15 -30.26 -28.46
N VAL C 11 11.44 -30.41 -27.35
CA VAL C 11 10.83 -29.29 -26.64
C VAL C 11 11.44 -29.22 -25.25
N ARG C 12 11.94 -28.05 -24.87
CA ARG C 12 12.55 -27.85 -23.55
C ARG C 12 11.77 -26.75 -22.82
N PRO C 13 10.84 -27.12 -21.94
CA PRO C 13 10.11 -26.08 -21.19
C PRO C 13 11.04 -25.23 -20.31
N LEU C 14 10.70 -23.93 -20.20
CA LEU C 14 11.46 -23.01 -19.35
CA LEU C 14 11.47 -23.03 -19.34
C LEU C 14 11.01 -23.10 -17.89
N THR C 15 9.71 -22.94 -17.64
CA THR C 15 9.18 -23.03 -16.29
C THR C 15 7.91 -23.85 -16.35
N SER C 16 7.41 -24.24 -15.18
CA SER C 16 6.14 -24.96 -15.15
C SER C 16 4.99 -24.11 -15.71
N ALA C 17 5.04 -22.80 -15.51
CA ALA C 17 3.93 -21.95 -15.92
C ALA C 17 3.83 -21.80 -17.44
N LEU C 18 4.92 -21.48 -18.10
CA LEU C 18 4.89 -21.23 -19.55
C LEU C 18 6.29 -21.18 -20.11
N GLY C 19 6.35 -21.18 -21.44
CA GLY C 19 7.61 -21.01 -22.15
C GLY C 19 8.27 -22.30 -22.53
N ALA C 20 8.66 -22.43 -23.78
CA ALA C 20 9.39 -23.62 -24.19
C ALA C 20 10.28 -23.32 -25.37
N GLU C 21 11.51 -23.86 -25.33
CA GLU C 21 12.47 -23.73 -26.41
C GLU C 21 12.34 -24.94 -27.34
N ILE C 22 12.23 -24.68 -28.65
CA ILE C 22 11.93 -25.70 -29.66
C ILE C 22 13.18 -25.92 -30.51
N HIS C 23 13.72 -27.13 -30.49
CA HIS C 23 14.91 -27.47 -31.24
C HIS C 23 14.55 -28.32 -32.44
N GLY C 24 15.38 -28.24 -33.47
CA GLY C 24 15.18 -29.04 -34.66
C GLY C 24 14.29 -28.41 -35.71
N VAL C 25 14.09 -27.09 -35.62
N VAL C 25 14.03 -27.11 -35.67
CA VAL C 25 13.24 -26.31 -36.51
CA VAL C 25 13.14 -26.50 -36.64
C VAL C 25 14.12 -25.44 -37.38
C VAL C 25 13.83 -25.31 -37.30
N ARG C 26 13.71 -25.25 -38.63
CA ARG C 26 14.31 -24.21 -39.47
C ARG C 26 13.16 -23.37 -40.03
N LEU C 27 13.07 -22.11 -39.61
CA LEU C 27 11.93 -21.30 -40.03
C LEU C 27 11.98 -20.94 -41.51
N GLU C 28 13.19 -20.85 -42.08
CA GLU C 28 13.35 -20.28 -43.42
C GLU C 28 12.43 -20.93 -44.44
N ASP C 29 12.41 -22.26 -44.48
CA ASP C 29 11.61 -22.98 -45.46
C ASP C 29 10.64 -23.92 -44.78
N ILE C 30 10.07 -23.47 -43.66
CA ILE C 30 9.22 -24.32 -42.84
C ILE C 30 8.07 -24.87 -43.69
N THR C 31 7.73 -26.15 -43.48
CA THR C 31 6.59 -26.76 -44.13
C THR C 31 5.29 -26.42 -43.40
N ASP C 32 4.17 -26.67 -44.08
CA ASP C 32 2.87 -26.46 -43.46
C ASP C 32 2.69 -27.36 -42.24
N ALA C 33 3.09 -28.63 -42.35
CA ALA C 33 2.96 -29.54 -41.21
C ALA C 33 3.81 -29.06 -40.02
N ASP C 34 5.04 -28.64 -40.27
CA ASP C 34 5.87 -28.14 -39.18
C ASP C 34 5.30 -26.86 -38.60
N PHE C 35 4.71 -26.01 -39.44
CA PHE C 35 4.06 -24.83 -38.89
C PHE C 35 2.88 -25.21 -38.01
N ALA C 36 2.07 -26.20 -38.44
CA ALA C 36 0.93 -26.57 -37.61
C ALA C 36 1.37 -27.04 -36.23
N GLU C 37 2.51 -27.72 -36.17
CA GLU C 37 3.06 -28.17 -34.89
C GLU C 37 3.51 -26.98 -34.05
N LEU C 38 4.17 -25.99 -34.65
CA LEU C 38 4.55 -24.81 -33.89
C LEU C 38 3.32 -24.10 -33.34
N ARG C 39 2.26 -24.01 -34.14
CA ARG C 39 1.02 -23.39 -33.65
C ARG C 39 0.45 -24.14 -32.46
N ARG C 40 0.44 -25.48 -32.51
CA ARG C 40 0.01 -26.25 -31.33
C ARG C 40 0.91 -26.00 -30.13
N LEU C 41 2.22 -25.94 -30.35
CA LEU C 41 3.13 -25.63 -29.24
C LEU C 41 2.87 -24.26 -28.64
N LEU C 42 2.51 -23.27 -29.49
CA LEU C 42 2.18 -21.93 -28.98
C LEU C 42 0.91 -21.95 -28.14
N LEU C 43 -0.10 -22.71 -28.54
CA LEU C 43 -1.32 -22.80 -27.72
C LEU C 43 -1.07 -23.56 -26.43
N LYS C 44 -0.09 -24.45 -26.43
CA LYS C 44 0.25 -25.19 -25.23
C LYS C 44 1.14 -24.41 -24.28
N HIS C 45 2.12 -23.69 -24.80
CA HIS C 45 3.17 -23.10 -23.97
C HIS C 45 3.18 -21.58 -23.90
N LEU C 46 2.29 -20.91 -24.66
CA LEU C 46 1.98 -19.49 -24.62
C LEU C 46 3.07 -18.62 -25.22
N VAL C 47 4.34 -18.98 -25.00
CA VAL C 47 5.46 -18.33 -25.68
C VAL C 47 6.47 -19.42 -25.99
N ILE C 48 6.95 -19.44 -27.23
CA ILE C 48 7.94 -20.42 -27.65
C ILE C 48 9.15 -19.71 -28.24
N PHE C 49 10.30 -20.36 -28.11
CA PHE C 49 11.58 -19.80 -28.49
C PHE C 49 12.27 -20.72 -29.48
N ILE C 50 12.69 -20.16 -30.60
CA ILE C 50 13.31 -20.90 -31.69
C ILE C 50 14.74 -20.39 -31.84
N PRO C 51 15.72 -21.14 -31.35
CA PRO C 51 17.11 -20.67 -31.40
C PRO C 51 17.75 -20.87 -32.77
N ASP C 52 18.85 -20.13 -32.98
CA ASP C 52 19.77 -20.38 -34.10
C ASP C 52 19.13 -20.09 -35.46
N GLN C 53 18.35 -19.01 -35.56
CA GLN C 53 17.73 -18.65 -36.82
C GLN C 53 18.39 -17.44 -37.48
N GLU C 54 19.68 -17.23 -37.25
CA GLU C 54 20.39 -16.12 -37.91
C GLU C 54 20.19 -16.19 -39.42
N GLY C 55 20.00 -15.02 -40.04
CA GLY C 55 19.92 -14.93 -41.49
C GLY C 55 18.54 -15.15 -42.07
N TRP C 56 17.52 -15.29 -41.23
CA TRP C 56 16.15 -15.49 -41.69
C TRP C 56 15.74 -14.37 -42.61
N SER C 57 15.36 -14.73 -43.85
CA SER C 57 15.10 -13.72 -44.87
C SER C 57 13.85 -12.93 -44.52
N ALA C 58 13.81 -11.67 -44.98
CA ALA C 58 12.65 -10.82 -44.74
C ALA C 58 11.39 -11.41 -45.34
N GLU C 59 11.51 -11.97 -46.55
CA GLU C 59 10.34 -12.55 -47.20
C GLU C 59 9.82 -13.75 -46.43
N SER C 60 10.72 -14.57 -45.90
CA SER C 60 10.28 -15.73 -45.11
C SER C 60 9.68 -15.29 -43.77
N ARG C 61 10.26 -14.25 -43.16
CA ARG C 61 9.73 -13.74 -41.89
C ARG C 61 8.31 -13.24 -42.05
N ILE C 62 8.04 -12.51 -43.14
CA ILE C 62 6.70 -11.98 -43.39
C ILE C 62 5.73 -13.13 -43.69
N ALA C 63 6.15 -14.07 -44.55
CA ALA C 63 5.25 -15.19 -44.87
C ALA C 63 4.89 -15.97 -43.61
N PHE C 64 5.86 -16.16 -42.72
CA PHE C 64 5.62 -16.86 -41.46
C PHE C 64 4.57 -16.17 -40.62
N GLY C 65 4.73 -14.86 -40.40
CA GLY C 65 3.73 -14.11 -39.65
C GLY C 65 2.35 -14.21 -40.29
N ARG C 66 2.30 -14.19 -41.62
CA ARG C 66 1.02 -14.20 -42.31
C ARG C 66 0.32 -15.56 -42.20
N ARG C 67 1.04 -16.63 -41.85
CA ARG C 67 0.36 -17.88 -41.51
C ARG C 67 -0.55 -17.73 -40.31
N PHE C 68 -0.27 -16.77 -39.42
CA PHE C 68 -1.12 -16.53 -38.25
C PHE C 68 -2.25 -15.55 -38.54
N GLY C 69 -2.03 -14.55 -39.40
CA GLY C 69 -3.05 -13.57 -39.69
C GLY C 69 -2.45 -12.36 -40.39
N GLU C 70 -3.25 -11.29 -40.46
CA GLU C 70 -2.81 -10.06 -41.08
C GLU C 70 -1.75 -9.39 -40.22
N LEU C 71 -0.73 -8.81 -40.86
CA LEU C 71 0.38 -8.18 -40.13
C LEU C 71 0.19 -6.67 -40.04
N GLU C 72 0.58 -6.11 -38.90
CA GLU C 72 0.47 -4.67 -38.68
C GLU C 72 1.56 -3.89 -39.40
N GLU C 73 1.19 -2.70 -39.90
CA GLU C 73 2.13 -1.69 -40.41
C GLU C 73 2.12 -0.50 -39.45
N HIS C 74 3.16 -0.39 -38.63
CA HIS C 74 3.20 0.57 -37.54
C HIS C 74 3.16 2.02 -38.02
N LEU C 77 6.90 3.86 -35.28
CA LEU C 77 8.01 2.93 -35.05
C LEU C 77 8.72 2.67 -36.38
N PRO C 78 10.06 2.68 -36.37
CA PRO C 78 10.77 2.44 -37.64
C PRO C 78 10.50 1.04 -38.14
N HIS C 79 10.63 0.87 -39.45
CA HIS C 79 10.48 -0.47 -40.03
C HIS C 79 11.68 -0.72 -40.92
N LEU C 80 11.90 -2.00 -41.19
CA LEU C 80 13.01 -2.42 -42.02
C LEU C 80 12.85 -1.84 -43.42
N ASP C 81 13.96 -1.34 -43.97
CA ASP C 81 13.90 -0.71 -45.28
C ASP C 81 13.34 -1.69 -46.31
N GLY C 82 12.26 -1.30 -46.97
CA GLY C 82 11.62 -2.14 -47.96
C GLY C 82 10.51 -3.01 -47.42
N HIS C 83 10.29 -3.03 -46.11
CA HIS C 83 9.32 -3.95 -45.51
C HIS C 83 8.58 -3.27 -44.39
N PRO C 84 7.48 -2.58 -44.70
CA PRO C 84 6.72 -1.90 -43.66
C PRO C 84 6.13 -2.85 -42.61
N GLN C 85 6.11 -4.15 -42.89
N GLN C 85 6.09 -4.15 -42.91
CA GLN C 85 5.55 -5.12 -41.96
CA GLN C 85 5.56 -5.13 -41.96
C GLN C 85 6.56 -5.61 -40.94
C GLN C 85 6.56 -5.49 -40.88
N ILE C 86 7.85 -5.28 -41.11
CA ILE C 86 8.89 -5.69 -40.17
C ILE C 86 9.28 -4.47 -39.33
N GLN C 87 8.84 -4.46 -38.09
CA GLN C 87 9.09 -3.35 -37.15
C GLN C 87 10.46 -3.51 -36.51
N ILE C 88 11.08 -2.38 -36.14
CA ILE C 88 12.41 -2.33 -35.55
C ILE C 88 12.26 -1.97 -34.08
N ILE C 89 12.79 -2.82 -33.21
CA ILE C 89 12.82 -2.58 -31.76
C ILE C 89 14.29 -2.31 -31.43
N ASP C 90 14.64 -1.04 -31.26
CA ASP C 90 16.04 -0.63 -31.15
C ASP C 90 16.21 0.20 -29.88
N SER C 91 17.15 -0.22 -29.02
CA SER C 91 17.36 0.50 -27.75
C SER C 91 17.82 1.93 -28.00
N GLU C 92 18.59 2.15 -29.06
CA GLU C 92 18.96 3.49 -29.49
C GLU C 92 17.80 4.26 -30.13
N GLN C 93 16.64 3.63 -30.31
CA GLN C 93 15.48 4.29 -30.94
C GLN C 93 14.18 3.93 -30.21
N LYS C 96 12.92 -0.38 -25.34
N LYS C 96 12.11 2.35 -24.98
CA LYS C 96 12.89 -0.35 -23.88
CA LYS C 96 11.85 1.17 -24.15
C LYS C 96 11.45 -0.28 -23.38
C LYS C 96 11.36 1.60 -22.75
N ILE C 97 11.05 -1.24 -22.54
N ILE C 97 10.59 0.73 -22.10
CA ILE C 97 9.70 -1.25 -21.99
CA ILE C 97 10.03 1.07 -20.80
C ILE C 97 9.68 -2.08 -20.71
C ILE C 97 9.72 -0.22 -20.02
N PRO C 98 10.21 -1.54 -19.58
N PRO C 98 10.43 -0.50 -18.92
CA PRO C 98 10.27 -2.27 -18.29
CA PRO C 98 10.21 -1.78 -18.22
C PRO C 98 9.03 -2.08 -17.43
C PRO C 98 8.90 -1.78 -17.46
N ILE C 99 7.89 -2.45 -17.99
CA ILE C 99 6.59 -2.43 -17.33
C ILE C 99 5.83 -3.63 -17.86
N TRP C 100 5.11 -4.31 -16.96
CA TRP C 100 4.29 -5.45 -17.37
C TRP C 100 3.14 -4.97 -18.25
N HIS C 101 2.99 -5.61 -19.41
CA HIS C 101 1.96 -5.17 -20.33
C HIS C 101 1.51 -6.30 -21.22
N THR C 102 0.31 -6.14 -21.77
CA THR C 102 -0.18 -6.89 -22.91
C THR C 102 -0.30 -5.89 -24.05
N ASP C 103 0.12 -6.29 -25.24
CA ASP C 103 0.31 -5.31 -26.32
C ASP C 103 -1.01 -4.66 -26.75
N MET C 104 -1.01 -3.32 -26.76
N MET C 104 -0.98 -3.32 -26.80
CA MET C 104 -2.03 -2.49 -27.40
CA MET C 104 -2.04 -2.47 -27.37
C MET C 104 -3.45 -2.77 -26.90
C MET C 104 -3.43 -2.90 -26.93
N THR C 105 -3.61 -3.11 -25.62
CA THR C 105 -4.96 -3.42 -25.13
C THR C 105 -5.83 -2.17 -25.01
N TYR C 106 -5.27 -0.99 -25.25
CA TYR C 106 -6.05 0.23 -25.38
C TYR C 106 -6.81 0.31 -26.70
N ALA C 107 -6.60 -0.66 -27.59
CA ALA C 107 -7.35 -0.74 -28.86
C ALA C 107 -8.47 -1.75 -28.74
N PRO C 108 -9.58 -1.53 -29.44
CA PRO C 108 -10.67 -2.52 -29.45
C PRO C 108 -10.24 -3.89 -29.92
N ASN C 109 -9.29 -3.96 -30.85
CA ASN C 109 -8.76 -5.23 -31.35
C ASN C 109 -7.25 -5.24 -31.20
N PRO C 110 -6.77 -5.67 -30.05
CA PRO C 110 -5.31 -5.81 -29.87
C PRO C 110 -4.76 -6.90 -30.77
N PRO C 111 -3.44 -6.99 -30.90
CA PRO C 111 -2.85 -8.08 -31.67
C PRO C 111 -3.12 -9.44 -31.05
N ILE C 112 -3.12 -10.48 -31.90
CA ILE C 112 -3.19 -11.80 -31.31
CA ILE C 112 -3.17 -11.87 -31.45
C ILE C 112 -1.82 -12.29 -30.88
N GLY C 113 -0.74 -11.80 -31.47
CA GLY C 113 0.58 -12.21 -31.02
C GLY C 113 1.66 -11.56 -31.87
N SER C 114 2.90 -11.90 -31.54
CA SER C 114 4.04 -11.34 -32.23
C SER C 114 5.15 -12.36 -32.37
N VAL C 115 6.03 -12.07 -33.32
CA VAL C 115 7.24 -12.83 -33.61
C VAL C 115 8.40 -11.84 -33.53
N LEU C 116 9.31 -12.04 -32.59
CA LEU C 116 10.39 -11.09 -32.31
C LEU C 116 11.72 -11.83 -32.35
N GLN C 117 12.68 -11.25 -33.05
CA GLN C 117 14.04 -11.78 -33.13
C GLN C 117 15.04 -10.70 -32.75
N ILE C 118 15.79 -10.92 -31.67
CA ILE C 118 16.87 -10.01 -31.30
C ILE C 118 18.06 -10.37 -32.17
N VAL C 119 18.47 -9.45 -33.05
CA VAL C 119 19.54 -9.71 -34.00
C VAL C 119 20.89 -9.16 -33.54
N ASP C 120 20.89 -8.19 -32.63
CA ASP C 120 22.12 -7.69 -32.01
C ASP C 120 21.78 -7.41 -30.55
N GLY C 121 22.61 -7.88 -29.64
CA GLY C 121 22.37 -7.63 -28.23
C GLY C 121 23.54 -8.04 -27.34
N PRO C 122 23.51 -7.60 -26.08
CA PRO C 122 24.58 -7.97 -25.16
C PRO C 122 24.51 -9.45 -24.78
N ALA C 123 25.67 -9.99 -24.40
CA ALA C 123 25.74 -11.40 -24.00
C ALA C 123 24.93 -11.65 -22.74
N GLN C 124 24.75 -10.63 -21.91
CA GLN C 124 23.83 -10.67 -20.79
C GLN C 124 23.19 -9.30 -20.65
N GLY C 125 22.01 -9.27 -20.08
CA GLY C 125 21.18 -8.09 -20.02
C GLY C 125 20.13 -8.11 -21.12
N GLY C 126 19.01 -7.46 -20.85
CA GLY C 126 17.94 -7.34 -21.82
C GLY C 126 17.00 -8.52 -21.90
N ASP C 127 16.93 -9.34 -20.86
CA ASP C 127 15.97 -10.43 -20.84
C ASP C 127 14.54 -9.92 -21.02
N THR C 128 13.67 -10.82 -21.49
CA THR C 128 12.25 -10.58 -21.53
C THR C 128 11.55 -11.63 -20.69
N MET C 129 10.56 -11.20 -19.90
CA MET C 129 9.73 -12.09 -19.13
C MET C 129 8.33 -12.11 -19.71
N TRP C 130 7.69 -13.28 -19.60
CA TRP C 130 6.27 -13.45 -19.90
C TRP C 130 5.56 -14.04 -18.72
N SER C 131 4.25 -13.78 -18.63
CA SER C 131 3.45 -14.35 -17.57
C SER C 131 2.20 -15.01 -18.14
N ASN C 132 1.69 -16.01 -17.41
CA ASN C 132 0.57 -16.86 -17.85
C ASN C 132 -0.73 -16.34 -17.22
N GLN C 133 -1.55 -15.66 -18.03
CA GLN C 133 -2.82 -15.08 -17.52
C GLN C 133 -3.88 -16.12 -17.26
N TYR C 134 -3.77 -17.35 -17.80
CA TYR C 134 -4.64 -18.41 -17.34
C TYR C 134 -4.42 -18.70 -15.87
N LEU C 135 -3.15 -18.88 -15.49
CA LEU C 135 -2.83 -19.24 -14.13
C LEU C 135 -3.13 -18.11 -13.17
N ALA C 136 -2.97 -16.85 -13.62
CA ALA C 136 -3.30 -15.70 -12.79
C ALA C 136 -4.79 -15.68 -12.44
N TYR C 137 -5.65 -16.07 -13.39
CA TYR C 137 -7.10 -16.16 -13.10
C TYR C 137 -7.40 -17.39 -12.24
N GLU C 138 -6.84 -18.53 -12.61
CA GLU C 138 -7.14 -19.78 -11.94
C GLU C 138 -6.64 -19.79 -10.51
N GLY C 139 -5.62 -18.98 -10.19
CA GLY C 139 -5.10 -18.89 -8.85
C GLY C 139 -5.88 -18.03 -7.91
N LEU C 140 -6.85 -17.27 -8.43
CA LEU C 140 -7.76 -16.52 -7.56
C LEU C 140 -8.77 -17.48 -6.95
N SER C 141 -9.20 -17.16 -5.74
CA SER C 141 -10.19 -17.96 -5.05
C SER C 141 -11.55 -17.81 -5.73
N ALA C 142 -12.44 -18.77 -5.46
CA ALA C 142 -13.70 -18.81 -6.20
C ALA C 142 -14.55 -17.54 -6.08
N PRO C 143 -14.70 -16.90 -4.92
CA PRO C 143 -15.51 -15.68 -4.89
C PRO C 143 -14.94 -14.58 -5.74
N LEU C 144 -13.59 -14.50 -5.83
CA LEU C 144 -13.01 -13.43 -6.65
CA LEU C 144 -13.01 -13.43 -6.65
C LEU C 144 -13.10 -13.76 -8.12
N ARG C 145 -12.92 -15.04 -8.50
CA ARG C 145 -13.13 -15.37 -9.90
C ARG C 145 -14.56 -15.03 -10.31
N ASP C 146 -15.52 -15.35 -9.45
N ASP C 146 -15.53 -15.34 -9.45
CA ASP C 146 -16.92 -15.06 -9.75
CA ASP C 146 -16.93 -15.07 -9.76
C ASP C 146 -17.14 -13.56 -9.94
C ASP C 146 -17.18 -13.57 -9.91
N LEU C 147 -16.55 -12.74 -9.07
CA LEU C 147 -16.66 -11.29 -9.24
C LEU C 147 -16.10 -10.85 -10.58
N LEU C 148 -14.86 -11.25 -10.88
CA LEU C 148 -14.19 -10.75 -12.08
C LEU C 148 -14.87 -11.21 -13.35
N ASP C 149 -15.50 -12.40 -13.33
CA ASP C 149 -16.22 -12.87 -14.50
C ASP C 149 -17.26 -11.85 -15.00
N GLY C 150 -17.82 -11.05 -14.11
CA GLY C 150 -18.88 -10.12 -14.42
C GLY C 150 -18.45 -8.68 -14.63
N LEU C 151 -17.16 -8.40 -14.66
CA LEU C 151 -16.62 -7.06 -14.76
C LEU C 151 -15.96 -6.82 -16.11
N THR C 152 -15.88 -5.54 -16.47
CA THR C 152 -15.09 -5.10 -17.61
C THR C 152 -14.14 -3.99 -17.14
N ALA C 153 -13.14 -3.68 -17.97
CA ALA C 153 -12.23 -2.59 -17.64
C ALA C 153 -11.95 -1.76 -18.88
N VAL C 154 -11.71 -0.47 -18.64
CA VAL C 154 -11.27 0.46 -19.66
C VAL C 154 -9.75 0.44 -19.71
N HIS C 155 -9.22 0.29 -20.92
CA HIS C 155 -7.79 0.36 -21.23
C HIS C 155 -7.60 1.62 -22.08
N SER C 156 -6.53 2.37 -21.81
CA SER C 156 -6.43 3.65 -22.51
C SER C 156 -4.97 4.08 -22.64
N ILE C 157 -4.75 4.93 -23.64
CA ILE C 157 -3.47 5.62 -23.80
C ILE C 157 -3.76 7.03 -24.29
N HIS C 158 -2.99 7.98 -23.78
CA HIS C 158 -3.15 9.39 -24.19
C HIS C 158 -1.74 9.97 -24.30
N ILE C 159 -1.21 9.99 -25.52
CA ILE C 159 0.09 10.59 -25.80
C ILE C 159 -0.07 11.44 -27.05
N PRO C 160 0.92 12.26 -27.41
CA PRO C 160 0.82 13.02 -28.67
C PRO C 160 0.78 12.08 -29.87
N GLY C 161 -0.25 12.26 -30.70
CA GLY C 161 -0.42 11.45 -31.89
C GLY C 161 -1.10 10.11 -31.68
N LEU C 162 -1.43 9.74 -30.44
CA LEU C 162 -2.10 8.47 -30.19
C LEU C 162 -3.01 8.63 -28.98
N ASP C 163 -4.32 8.65 -29.23
N ASP C 163 -4.32 8.62 -29.23
CA ASP C 163 -5.32 8.63 -28.18
CA ASP C 163 -5.34 8.63 -28.20
C ASP C 163 -6.28 7.47 -28.49
C ASP C 163 -6.29 7.48 -28.49
N SER C 164 -6.36 6.52 -27.58
CA SER C 164 -7.20 5.35 -27.80
C SER C 164 -7.70 4.82 -26.46
N GLN C 165 -8.93 4.33 -26.45
CA GLN C 165 -9.40 3.60 -25.29
C GLN C 165 -10.35 2.52 -25.75
N ALA C 166 -10.49 1.50 -24.91
CA ALA C 166 -11.29 0.35 -25.27
C ALA C 166 -11.77 -0.29 -23.99
N GLU C 167 -12.94 -0.90 -24.03
CA GLU C 167 -13.47 -1.62 -22.89
C GLU C 167 -13.43 -3.11 -23.19
N HIS C 168 -12.83 -3.88 -22.28
CA HIS C 168 -12.64 -5.30 -22.46
C HIS C 168 -13.11 -6.05 -21.23
N PRO C 169 -13.55 -7.30 -21.38
CA PRO C 169 -13.79 -8.14 -20.18
C PRO C 169 -12.55 -8.25 -19.33
N VAL C 170 -12.76 -8.27 -18.00
CA VAL C 170 -11.64 -8.53 -17.09
C VAL C 170 -11.18 -9.98 -17.21
N VAL C 171 -12.08 -10.89 -17.56
CA VAL C 171 -11.77 -12.29 -17.79
C VAL C 171 -12.22 -12.64 -19.21
N ARG C 172 -11.27 -13.05 -20.06
CA ARG C 172 -11.58 -13.43 -21.43
C ARG C 172 -11.38 -14.92 -21.62
N VAL C 173 -12.10 -15.47 -22.58
N VAL C 173 -12.07 -15.48 -22.61
CA VAL C 173 -11.89 -16.81 -23.05
CA VAL C 173 -11.88 -16.87 -23.01
C VAL C 173 -10.91 -16.75 -24.22
C VAL C 173 -11.05 -16.91 -24.29
N HIS C 174 -9.98 -17.68 -24.25
CA HIS C 174 -9.17 -17.85 -25.47
C HIS C 174 -10.02 -18.53 -26.54
N PRO C 175 -10.17 -17.93 -27.73
CA PRO C 175 -11.10 -18.52 -28.70
C PRO C 175 -10.71 -19.91 -29.16
N GLU C 176 -9.43 -20.24 -29.12
CA GLU C 176 -8.97 -21.50 -29.69
C GLU C 176 -8.63 -22.55 -28.64
N THR C 177 -8.70 -22.22 -27.34
CA THR C 177 -8.61 -23.24 -26.30
C THR C 177 -9.87 -23.33 -25.44
N GLY C 178 -10.66 -22.26 -25.36
CA GLY C 178 -11.82 -22.25 -24.49
C GLY C 178 -11.53 -22.07 -23.03
N ARG C 179 -10.27 -21.77 -22.66
CA ARG C 179 -9.85 -21.59 -21.28
C ARG C 179 -9.87 -20.10 -20.94
N ARG C 180 -10.24 -19.79 -19.70
CA ARG C 180 -10.39 -18.41 -19.24
C ARG C 180 -9.08 -17.82 -18.73
N ALA C 181 -8.83 -16.56 -19.06
CA ALA C 181 -7.59 -15.88 -18.67
C ALA C 181 -7.89 -14.46 -18.19
N LEU C 182 -7.11 -14.01 -17.19
CA LEU C 182 -7.17 -12.62 -16.80
C LEU C 182 -6.82 -11.73 -17.99
N PHE C 183 -7.50 -10.58 -18.10
CA PHE C 183 -7.22 -9.64 -19.19
C PHE C 183 -7.15 -8.21 -18.66
N VAL C 184 -6.24 -8.00 -17.71
CA VAL C 184 -5.83 -6.66 -17.29
C VAL C 184 -4.31 -6.66 -17.22
N ASN C 185 -3.72 -5.49 -17.42
CA ASN C 185 -2.27 -5.34 -17.33
C ASN C 185 -1.91 -3.95 -16.84
N ARG C 186 -0.78 -3.87 -16.11
CA ARG C 186 -0.37 -2.63 -15.45
CA ARG C 186 -0.45 -2.62 -15.44
C ARG C 186 -0.26 -1.47 -16.44
N ALA C 187 0.38 -1.71 -17.59
CA ALA C 187 0.70 -0.60 -18.49
C ALA C 187 -0.53 0.12 -19.05
N HIS C 188 -1.53 -0.63 -19.47
CA HIS C 188 -2.60 -0.05 -20.29
C HIS C 188 -3.99 -0.09 -19.67
N THR C 189 -4.23 -0.92 -18.67
CA THR C 189 -5.54 -0.92 -18.00
C THR C 189 -5.67 0.34 -17.15
N SER C 190 -6.79 1.02 -17.29
CA SER C 190 -7.06 2.21 -16.48
C SER C 190 -7.84 1.89 -15.21
N HIS C 191 -9.04 1.31 -15.36
CA HIS C 191 -9.96 1.14 -14.26
C HIS C 191 -11.02 0.11 -14.64
N ILE C 192 -11.56 -0.54 -13.62
CA ILE C 192 -12.73 -1.42 -13.77
C ILE C 192 -14.00 -0.57 -13.86
N ALA C 193 -14.85 -0.89 -14.85
CA ALA C 193 -15.94 0.03 -15.22
C ALA C 193 -17.11 0.01 -14.23
N GLN C 194 -17.34 -1.14 -13.56
CA GLN C 194 -18.51 -1.28 -12.69
C GLN C 194 -18.23 -0.93 -11.22
N LEU C 195 -16.98 -0.66 -10.87
CA LEU C 195 -16.57 -0.24 -9.53
C LEU C 195 -16.30 1.26 -9.54
N ASN C 196 -16.29 1.87 -8.35
CA ASN C 196 -15.79 3.24 -8.34
C ASN C 196 -14.26 3.19 -8.42
N ARG C 197 -13.67 4.34 -8.71
CA ARG C 197 -12.25 4.34 -9.06
C ARG C 197 -11.37 3.86 -7.91
N ASN C 198 -11.75 4.16 -6.68
CA ASN C 198 -10.93 3.76 -5.52
C ASN C 198 -10.98 2.25 -5.28
N GLU C 199 -12.18 1.65 -5.41
CA GLU C 199 -12.29 0.21 -5.35
C GLU C 199 -11.49 -0.42 -6.49
N SER C 200 -11.61 0.16 -7.70
CA SER C 200 -10.88 -0.35 -8.84
C SER C 200 -9.38 -0.35 -8.60
N ASP C 201 -8.88 0.78 -8.09
CA ASP C 201 -7.44 0.84 -7.78
C ASP C 201 -6.99 -0.30 -6.87
N ALA C 202 -7.74 -0.54 -5.80
CA ALA C 202 -7.38 -1.55 -4.82
C ALA C 202 -7.34 -2.93 -5.46
N LEU C 203 -8.37 -3.24 -6.25
CA LEU C 203 -8.46 -4.58 -6.85
C LEU C 203 -7.40 -4.76 -7.92
N LEU C 204 -7.22 -3.77 -8.81
CA LEU C 204 -6.20 -3.90 -9.83
C LEU C 204 -4.80 -3.99 -9.23
N GLN C 205 -4.51 -3.21 -8.18
CA GLN C 205 -3.21 -3.30 -7.51
C GLN C 205 -2.92 -4.74 -7.10
N TYR C 206 -3.92 -5.41 -6.50
CA TYR C 206 -3.73 -6.80 -6.08
C TYR C 206 -3.50 -7.69 -7.31
N LEU C 207 -4.34 -7.53 -8.33
CA LEU C 207 -4.26 -8.40 -9.51
C LEU C 207 -2.96 -8.22 -10.26
N TYR C 208 -2.48 -6.98 -10.40
CA TYR C 208 -1.23 -6.76 -11.12
C TYR C 208 -0.09 -7.50 -10.44
N ARG C 209 0.01 -7.38 -9.11
CA ARG C 209 1.07 -8.07 -8.38
C ARG C 209 0.90 -9.58 -8.43
N PHE C 210 -0.30 -10.08 -8.17
CA PHE C 210 -0.53 -11.52 -8.15
C PHE C 210 -0.26 -12.15 -9.51
N SER C 211 -0.68 -11.49 -10.57
CA SER C 211 -0.63 -12.08 -11.91
C SER C 211 0.80 -12.18 -12.43
N THR C 212 1.75 -11.42 -11.84
CA THR C 212 3.14 -11.48 -12.26
C THR C 212 4.05 -12.11 -11.20
N SER C 213 3.45 -12.87 -10.30
CA SER C 213 4.15 -13.74 -9.35
C SER C 213 5.16 -14.62 -10.11
N PRO C 214 6.32 -14.90 -9.51
CA PRO C 214 7.31 -15.72 -10.24
C PRO C 214 6.81 -17.10 -10.58
N GLU C 215 5.85 -17.64 -9.80
CA GLU C 215 5.26 -18.94 -10.12
C GLU C 215 4.46 -18.94 -11.41
N PHE C 216 4.14 -17.78 -11.97
CA PHE C 216 3.36 -17.64 -13.19
C PHE C 216 4.18 -17.13 -14.36
N THR C 217 5.52 -16.98 -14.21
CA THR C 217 6.33 -16.32 -15.23
C THR C 217 7.46 -17.21 -15.74
N CYS C 218 8.08 -16.75 -16.83
CA CYS C 218 9.36 -17.29 -17.30
C CYS C 218 10.21 -16.09 -17.70
N ARG C 219 11.54 -16.30 -17.71
CA ARG C 219 12.51 -15.26 -18.03
C ARG C 219 13.47 -15.83 -19.07
N TYR C 220 13.52 -15.19 -20.24
CA TYR C 220 14.30 -15.65 -21.38
C TYR C 220 15.51 -14.76 -21.62
N GLN C 221 16.68 -15.40 -21.75
CA GLN C 221 17.93 -14.72 -22.12
C GLN C 221 18.13 -14.87 -23.61
N TRP C 222 18.17 -13.75 -24.32
CA TRP C 222 18.30 -13.74 -25.77
C TRP C 222 19.72 -14.06 -26.21
N ARG C 223 19.82 -14.95 -27.17
CA ARG C 223 21.06 -15.20 -27.88
C ARG C 223 20.86 -14.77 -29.33
N PRO C 224 21.83 -14.12 -29.96
CA PRO C 224 21.64 -13.68 -31.35
C PRO C 224 21.11 -14.81 -32.22
N GLY C 225 20.11 -14.49 -33.03
CA GLY C 225 19.44 -15.50 -33.81
C GLY C 225 18.23 -16.15 -33.16
N SER C 226 17.97 -15.93 -31.86
CA SER C 226 16.81 -16.51 -31.22
C SER C 226 15.55 -15.76 -31.61
N VAL C 227 14.47 -16.51 -31.81
CA VAL C 227 13.16 -15.96 -32.15
C VAL C 227 12.18 -16.32 -31.06
N ALA C 228 11.42 -15.34 -30.57
CA ALA C 228 10.31 -15.59 -29.66
C ALA C 228 9.00 -15.35 -30.38
N ILE C 229 8.05 -16.25 -30.15
CA ILE C 229 6.69 -16.15 -30.69
C ILE C 229 5.76 -16.24 -29.49
N TRP C 230 4.92 -15.22 -29.28
CA TRP C 230 4.02 -15.28 -28.15
C TRP C 230 2.59 -14.98 -28.51
N ASP C 231 1.70 -15.52 -27.69
CA ASP C 231 0.26 -15.35 -27.82
C ASP C 231 -0.14 -14.19 -26.92
N ASN C 232 -0.48 -13.04 -27.53
CA ASN C 232 -0.81 -11.84 -26.80
C ASN C 232 -2.19 -11.92 -26.16
N ARG C 233 -2.97 -12.98 -26.43
CA ARG C 233 -4.31 -13.05 -25.86
CA ARG C 233 -4.30 -13.04 -25.85
C ARG C 233 -4.29 -13.42 -24.39
N VAL C 234 -3.26 -14.16 -23.94
CA VAL C 234 -3.27 -14.79 -22.64
C VAL C 234 -1.92 -14.62 -21.92
N THR C 235 -1.14 -13.63 -22.34
CA THR C 235 0.14 -13.36 -21.67
C THR C 235 0.26 -11.87 -21.37
N GLN C 236 1.13 -11.57 -20.41
CA GLN C 236 1.78 -10.26 -20.30
C GLN C 236 3.27 -10.46 -20.54
N HIS C 237 4.00 -9.37 -20.79
CA HIS C 237 5.45 -9.46 -20.82
C HIS C 237 6.08 -8.18 -20.35
N TYR C 238 7.41 -8.27 -20.18
CA TYR C 238 8.18 -7.24 -19.47
C TYR C 238 9.58 -7.30 -20.04
N ALA C 239 10.10 -6.17 -20.51
CA ALA C 239 11.47 -6.10 -21.05
C ALA C 239 12.37 -5.54 -19.96
N VAL C 240 13.33 -6.36 -19.49
CA VAL C 240 14.19 -5.95 -18.38
C VAL C 240 15.15 -4.87 -18.86
N ASP C 241 15.26 -3.78 -18.08
CA ASP C 241 16.06 -2.64 -18.45
C ASP C 241 17.32 -2.63 -17.60
N ASP C 242 18.20 -3.57 -17.90
CA ASP C 242 19.45 -3.75 -17.16
C ASP C 242 20.68 -3.70 -18.06
N TYR C 243 20.62 -2.97 -19.18
CA TYR C 243 21.75 -2.97 -20.11
C TYR C 243 21.95 -1.57 -20.70
N SER C 244 23.18 -1.32 -21.13
CA SER C 244 23.54 -0.09 -21.82
CA SER C 244 23.52 -0.10 -21.83
C SER C 244 24.00 -0.35 -23.25
N GLU C 245 24.30 -1.60 -23.61
CA GLU C 245 24.74 -1.93 -24.95
C GLU C 245 23.61 -1.73 -25.95
N HIS C 246 23.97 -1.72 -27.23
CA HIS C 246 22.99 -1.63 -28.29
C HIS C 246 22.23 -2.95 -28.40
N ARG C 247 20.90 -2.85 -28.47
CA ARG C 247 20.01 -4.00 -28.57
C ARG C 247 19.02 -3.71 -29.68
N ARG C 248 18.90 -4.64 -30.63
CA ARG C 248 18.12 -4.42 -31.84
C ARG C 248 17.34 -5.67 -32.19
N GLY C 249 16.05 -5.50 -32.43
CA GLY C 249 15.19 -6.61 -32.77
C GLY C 249 14.30 -6.31 -33.94
N LEU C 250 13.95 -7.37 -34.67
CA LEU C 250 12.99 -7.31 -35.77
C LEU C 250 11.73 -8.02 -35.32
N ARG C 251 10.59 -7.39 -35.57
CA ARG C 251 9.30 -7.87 -35.05
C ARG C 251 8.24 -7.83 -36.13
N VAL C 252 7.39 -8.86 -36.17
CA VAL C 252 6.14 -8.78 -36.92
C VAL C 252 5.00 -9.00 -35.94
N VAL C 253 3.92 -8.27 -36.14
CA VAL C 253 2.80 -8.23 -35.19
C VAL C 253 1.54 -8.69 -35.92
N VAL C 254 0.90 -9.72 -35.37
CA VAL C 254 -0.27 -10.33 -35.99
C VAL C 254 -1.52 -9.69 -35.40
N LEU C 255 -2.31 -9.06 -36.26
CA LEU C 255 -3.51 -8.36 -35.82
C LEU C 255 -4.68 -9.31 -35.60
N GLY C 256 -5.68 -8.84 -34.85
CA GLY C 256 -7.03 -9.37 -34.99
C GLY C 256 -7.67 -10.01 -33.77
N ASP C 257 -7.25 -9.65 -32.55
CA ASP C 257 -7.89 -10.19 -31.38
C ASP C 257 -9.20 -9.45 -31.09
N THR C 258 -10.16 -10.16 -30.50
CA THR C 258 -11.38 -9.56 -29.96
C THR C 258 -11.61 -10.20 -28.60
N PRO C 259 -11.12 -9.57 -27.53
CA PRO C 259 -11.25 -10.17 -26.21
C PRO C 259 -12.70 -10.27 -25.79
N SER C 260 -13.15 -11.51 -25.49
CA SER C 260 -14.55 -11.78 -25.21
C SER C 260 -14.71 -12.62 -23.97
N GLY C 261 -15.73 -12.29 -23.17
CA GLY C 261 -16.06 -13.05 -21.98
C GLY C 261 -17.55 -12.98 -21.68
N ASP C 262 -17.89 -13.10 -20.40
CA ASP C 262 -19.27 -13.01 -19.96
C ASP C 262 -19.85 -11.61 -20.14
N LYS C 263 -21.18 -11.55 -20.29
CA LYS C 263 -21.90 -10.29 -20.19
C LYS C 263 -21.67 -9.71 -18.79
N PRO C 264 -21.36 -8.42 -18.68
CA PRO C 264 -21.17 -7.87 -17.34
C PRO C 264 -22.45 -7.98 -16.54
N ARG C 265 -22.31 -8.22 -15.25
CA ARG C 265 -23.47 -8.49 -14.40
C ARG C 265 -23.99 -7.24 -13.71
N TRP C 266 -23.31 -6.11 -13.90
CA TRP C 266 -23.70 -4.83 -13.33
C TRP C 266 -23.49 -3.73 -14.38
N ASP C 267 -24.18 -2.61 -14.19
CA ASP C 267 -23.99 -1.45 -15.02
C ASP C 267 -22.67 -0.75 -14.66
N HIS C 268 -22.23 0.14 -15.54
CA HIS C 268 -21.10 1.00 -15.19
C HIS C 268 -21.40 1.80 -13.92
N TYR C 269 -20.37 2.01 -13.11
CA TYR C 269 -20.47 2.91 -11.97
C TYR C 269 -20.75 4.32 -12.48
N ARG C 270 -21.75 4.97 -11.90
CA ARG C 270 -22.13 6.33 -12.30
C ARG C 270 -21.77 7.30 -11.20
N PRO C 271 -20.78 8.18 -11.39
CA PRO C 271 -20.52 9.23 -10.39
C PRO C 271 -21.61 10.28 -10.40
N VAL C 272 -21.78 10.94 -9.27
CA VAL C 272 -22.74 12.06 -9.19
C VAL C 272 -22.09 13.29 -9.81
N PRO C 273 -22.86 14.30 -10.23
CA PRO C 273 -22.25 15.51 -10.79
C PRO C 273 -21.26 16.13 -9.82
N GLY C 274 -20.13 16.59 -10.37
CA GLY C 274 -19.09 17.18 -9.57
C GLY C 274 -18.25 16.23 -8.74
N GLN C 275 -18.45 14.91 -8.87
CA GLN C 275 -17.68 13.99 -8.04
C GLN C 275 -16.23 13.98 -8.48
N ARG C 276 -15.34 13.96 -7.50
CA ARG C 276 -13.90 14.02 -7.73
C ARG C 276 -13.26 12.70 -7.32
N TYR C 277 -12.30 12.25 -8.12
CA TYR C 277 -11.53 11.06 -7.81
C TYR C 277 -10.30 11.47 -7.03
N VAL C 278 -10.22 11.00 -5.80
CA VAL C 278 -9.04 11.23 -4.95
C VAL C 278 -8.38 9.88 -4.72
N PRO C 279 -7.29 9.55 -5.42
CA PRO C 279 -6.65 8.23 -5.21
C PRO C 279 -6.23 8.04 -3.76
N ASP C 280 -6.39 6.81 -3.29
CA ASP C 280 -5.91 6.47 -1.94
C ASP C 280 -4.40 6.38 -1.87
N TRP C 281 -3.72 6.11 -2.98
CA TRP C 281 -2.26 5.95 -3.03
C TRP C 281 -1.63 7.03 -3.89
N VAL C 282 -0.47 7.51 -3.44
CA VAL C 282 0.18 8.64 -4.09
C VAL C 282 0.84 8.22 -5.39
N ASN C 283 0.64 9.01 -6.42
CA ASN C 283 1.49 9.05 -7.60
C ASN C 283 1.97 10.49 -7.77
N ALA C 284 3.20 10.66 -8.24
CA ALA C 284 3.67 11.99 -8.56
C ALA C 284 2.82 12.64 -9.66
N LYS C 285 2.80 13.96 -9.65
N LYS C 285 2.77 13.96 -9.64
CA LYS C 285 2.11 14.77 -10.67
CA LYS C 285 2.09 14.69 -10.70
C LYS C 285 2.99 15.13 -11.85
C LYS C 285 2.95 14.79 -11.95
N GLU C 286 4.28 14.79 -11.79
CA GLU C 286 5.21 15.02 -12.89
C GLU C 286 6.09 13.80 -13.02
N ALA C 287 6.27 13.33 -14.25
CA ALA C 287 7.23 12.27 -14.53
C ALA C 287 8.59 12.90 -14.81
N TYR C 288 9.45 12.23 -15.58
CA TYR C 288 10.83 12.66 -15.72
C TYR C 288 11.07 13.56 -16.94
N ALA D 8 40.80 -19.34 -17.66
CA ALA D 8 40.83 -20.73 -17.21
C ALA D 8 39.59 -21.50 -17.68
N PHE D 9 38.42 -20.87 -17.47
CA PHE D 9 37.13 -21.50 -17.64
C PHE D 9 36.33 -20.77 -18.70
N GLU D 10 35.18 -21.35 -19.08
CA GLU D 10 34.23 -20.66 -19.94
C GLU D 10 33.11 -20.11 -19.06
N VAL D 11 33.00 -18.79 -18.98
CA VAL D 11 32.10 -18.12 -18.05
C VAL D 11 30.95 -17.50 -18.82
N ARG D 12 29.72 -17.87 -18.47
CA ARG D 12 28.54 -17.37 -19.14
C ARG D 12 27.64 -16.64 -18.14
N PRO D 13 27.69 -15.30 -18.07
CA PRO D 13 26.85 -14.59 -17.10
C PRO D 13 25.35 -14.78 -17.43
N LEU D 14 24.55 -14.83 -16.38
CA LEU D 14 23.08 -15.00 -16.55
C LEU D 14 22.41 -13.66 -16.83
N THR D 15 22.64 -12.68 -15.97
CA THR D 15 22.09 -11.34 -16.18
C THR D 15 23.19 -10.32 -15.91
N SER D 16 22.91 -9.07 -16.26
CA SER D 16 23.86 -7.99 -15.96
C SER D 16 24.10 -7.88 -14.46
N ALA D 17 23.06 -8.13 -13.67
CA ALA D 17 23.16 -7.89 -12.24
C ALA D 17 24.06 -8.89 -11.54
N LEU D 18 23.86 -10.17 -11.82
CA LEU D 18 24.60 -11.21 -11.09
C LEU D 18 24.38 -12.56 -11.73
N GLY D 19 25.19 -13.54 -11.29
CA GLY D 19 25.04 -14.90 -11.71
C GLY D 19 25.89 -15.27 -12.91
N ALA D 20 26.58 -16.39 -12.83
CA ALA D 20 27.36 -16.85 -13.97
C ALA D 20 27.50 -18.37 -13.93
N GLU D 21 27.31 -19.00 -15.07
CA GLU D 21 27.52 -20.44 -15.23
C GLU D 21 28.93 -20.71 -15.72
N ILE D 22 29.64 -21.60 -15.04
CA ILE D 22 31.07 -21.85 -15.26
C ILE D 22 31.24 -23.24 -15.85
N HIS D 23 31.66 -23.31 -17.11
CA HIS D 23 31.94 -24.56 -17.79
C HIS D 23 33.42 -24.88 -17.78
N GLY D 24 33.73 -26.18 -17.86
CA GLY D 24 35.09 -26.63 -17.88
C GLY D 24 35.70 -26.91 -16.53
N VAL D 25 34.89 -26.94 -15.48
CA VAL D 25 35.32 -27.16 -14.10
C VAL D 25 35.08 -28.61 -13.75
N ARG D 26 35.98 -29.19 -12.97
CA ARG D 26 35.69 -30.47 -12.32
C ARG D 26 36.01 -30.28 -10.84
N LEU D 27 34.95 -30.25 -10.00
CA LEU D 27 35.15 -29.96 -8.60
C LEU D 27 35.84 -31.09 -7.87
N GLU D 28 35.69 -32.34 -8.36
CA GLU D 28 36.16 -33.48 -7.60
C GLU D 28 37.61 -33.35 -7.15
N ASP D 29 38.49 -33.01 -8.05
CA ASP D 29 39.91 -32.86 -7.72
C ASP D 29 40.42 -31.45 -8.06
N ILE D 30 39.61 -30.43 -7.81
CA ILE D 30 39.98 -29.08 -8.22
C ILE D 30 41.31 -28.68 -7.58
N THR D 31 42.15 -28.02 -8.36
CA THR D 31 43.44 -27.57 -7.83
C THR D 31 43.26 -26.29 -7.01
N ASP D 32 44.26 -25.97 -6.18
CA ASP D 32 44.18 -24.72 -5.42
C ASP D 32 44.13 -23.50 -6.33
N ALA D 33 44.86 -23.54 -7.46
CA ALA D 33 44.80 -22.40 -8.37
C ALA D 33 43.46 -22.27 -9.06
N ASP D 34 42.86 -23.38 -9.50
CA ASP D 34 41.52 -23.28 -10.08
C ASP D 34 40.47 -22.86 -9.05
N PHE D 35 40.61 -23.28 -7.81
CA PHE D 35 39.70 -22.79 -6.79
C PHE D 35 39.83 -21.27 -6.62
N ALA D 36 41.04 -20.74 -6.69
CA ALA D 36 41.20 -19.30 -6.56
C ALA D 36 40.43 -18.57 -7.64
N GLU D 37 40.39 -19.13 -8.85
CA GLU D 37 39.62 -18.51 -9.92
C GLU D 37 38.12 -18.58 -9.62
N LEU D 38 37.63 -19.72 -9.10
CA LEU D 38 36.22 -19.77 -8.70
C LEU D 38 35.91 -18.74 -7.61
N ARG D 39 36.81 -18.58 -6.63
CA ARG D 39 36.59 -17.61 -5.57
C ARG D 39 36.53 -16.20 -6.16
N ARG D 40 37.43 -15.89 -7.09
CA ARG D 40 37.41 -14.59 -7.75
C ARG D 40 36.10 -14.38 -8.49
N LEU D 41 35.62 -15.42 -9.19
CA LEU D 41 34.36 -15.30 -9.92
C LEU D 41 33.17 -15.14 -8.98
N LEU D 42 33.23 -15.76 -7.80
CA LEU D 42 32.17 -15.61 -6.82
C LEU D 42 32.12 -14.18 -6.29
N LEU D 43 33.27 -13.53 -6.10
CA LEU D 43 33.24 -12.15 -5.66
C LEU D 43 32.74 -11.23 -6.77
N LYS D 44 32.96 -11.61 -8.02
CA LYS D 44 32.51 -10.79 -9.14
C LYS D 44 31.02 -10.97 -9.45
N HIS D 45 30.52 -12.21 -9.39
CA HIS D 45 29.18 -12.56 -9.87
C HIS D 45 28.16 -12.92 -8.78
N LEU D 46 28.58 -13.03 -7.53
CA LEU D 46 27.77 -13.19 -6.33
C LEU D 46 27.16 -14.59 -6.20
N VAL D 47 26.75 -15.21 -7.30
CA VAL D 47 26.33 -16.61 -7.32
C VAL D 47 26.85 -17.21 -8.60
N ILE D 48 27.47 -18.39 -8.49
CA ILE D 48 27.99 -19.09 -9.65
C ILE D 48 27.41 -20.49 -9.69
N PHE D 49 27.28 -20.99 -10.90
CA PHE D 49 26.63 -22.28 -11.17
C PHE D 49 27.62 -23.15 -11.91
N ILE D 50 27.80 -24.38 -11.43
N ILE D 50 27.80 -24.38 -11.43
CA ILE D 50 28.74 -25.34 -11.96
CA ILE D 50 28.75 -25.32 -11.99
C ILE D 50 27.96 -26.56 -12.44
C ILE D 50 28.00 -26.56 -12.43
N PRO D 51 27.72 -26.70 -13.73
CA PRO D 51 26.95 -27.85 -14.22
C PRO D 51 27.80 -29.11 -14.33
N ASP D 52 27.09 -30.23 -14.43
CA ASP D 52 27.70 -31.51 -14.82
C ASP D 52 28.61 -32.08 -13.75
N GLN D 53 28.28 -31.89 -12.48
CA GLN D 53 29.09 -32.40 -11.38
C GLN D 53 28.48 -33.63 -10.73
N GLU D 54 27.63 -34.38 -11.45
CA GLU D 54 27.09 -35.61 -10.89
C GLU D 54 28.20 -36.50 -10.36
N GLY D 55 27.96 -37.12 -9.20
CA GLY D 55 28.90 -38.08 -8.63
C GLY D 55 29.94 -37.45 -7.72
N TRP D 56 29.90 -36.14 -7.55
CA TRP D 56 30.84 -35.44 -6.68
C TRP D 56 30.90 -36.10 -5.30
N SER D 57 32.09 -36.50 -4.88
CA SER D 57 32.22 -37.31 -3.66
C SER D 57 31.97 -36.46 -2.42
N ALA D 58 31.50 -37.12 -1.35
CA ALA D 58 31.21 -36.41 -0.11
C ALA D 58 32.47 -35.77 0.46
N GLU D 59 33.58 -36.53 0.46
CA GLU D 59 34.82 -35.98 0.98
C GLU D 59 35.28 -34.77 0.18
N SER D 60 35.12 -34.81 -1.15
CA SER D 60 35.50 -33.66 -1.95
C SER D 60 34.58 -32.46 -1.69
N ARG D 61 33.28 -32.72 -1.59
CA ARG D 61 32.31 -31.65 -1.31
C ARG D 61 32.66 -30.94 0.01
N ILE D 62 33.02 -31.71 1.03
CA ILE D 62 33.35 -31.11 2.32
C ILE D 62 34.64 -30.31 2.24
N ALA D 63 35.66 -30.88 1.58
CA ALA D 63 36.91 -30.13 1.47
C ALA D 63 36.67 -28.82 0.72
N PHE D 64 35.86 -28.85 -0.33
CA PHE D 64 35.56 -27.66 -1.10
C PHE D 64 34.91 -26.59 -0.22
N GLY D 65 33.87 -26.97 0.53
CA GLY D 65 33.26 -26.00 1.43
C GLY D 65 34.24 -25.46 2.46
N ARG D 66 35.10 -26.33 2.97
CA ARG D 66 36.05 -25.90 3.99
C ARG D 66 37.08 -24.92 3.46
N ARG D 67 37.27 -24.84 2.13
CA ARG D 67 38.11 -23.80 1.58
C ARG D 67 37.59 -22.41 1.90
N PHE D 68 36.29 -22.28 2.11
CA PHE D 68 35.67 -21.00 2.39
C PHE D 68 35.58 -20.69 3.89
N GLY D 69 35.57 -21.69 4.76
CA GLY D 69 35.42 -21.46 6.17
C GLY D 69 34.91 -22.70 6.86
N GLU D 70 34.54 -22.54 8.13
CA GLU D 70 33.94 -23.63 8.90
C GLU D 70 32.56 -23.96 8.38
N LEU D 71 32.20 -25.26 8.43
CA LEU D 71 30.90 -25.70 7.94
C LEU D 71 29.94 -25.92 9.09
N GLU D 72 28.68 -25.56 8.86
CA GLU D 72 27.62 -25.83 9.82
C GLU D 72 27.40 -27.33 9.96
N GLU D 73 27.25 -27.77 11.22
CA GLU D 73 27.00 -29.18 11.55
C GLU D 73 25.79 -29.29 12.47
N HIS D 74 24.62 -28.89 11.99
CA HIS D 74 23.41 -28.99 12.80
C HIS D 74 22.58 -30.22 12.40
N LEU D 77 18.30 -30.89 10.67
CA LEU D 77 18.17 -31.44 9.33
C LEU D 77 18.79 -32.83 9.22
N PRO D 78 18.23 -33.69 8.38
CA PRO D 78 18.93 -34.92 8.03
C PRO D 78 20.19 -34.59 7.25
N HIS D 79 21.09 -35.57 7.20
CA HIS D 79 22.38 -35.38 6.56
C HIS D 79 22.86 -36.72 6.02
N LEU D 80 23.89 -36.68 5.18
CA LEU D 80 24.48 -37.90 4.64
C LEU D 80 25.15 -38.71 5.74
N ASP D 81 25.07 -40.03 5.60
CA ASP D 81 25.71 -40.97 6.51
C ASP D 81 27.18 -40.61 6.69
N GLY D 82 27.56 -40.30 7.92
CA GLY D 82 28.94 -40.05 8.27
C GLY D 82 29.42 -38.64 7.99
N HIS D 83 28.54 -37.76 7.53
CA HIS D 83 28.92 -36.41 7.11
C HIS D 83 27.87 -35.42 7.59
N PRO D 84 27.92 -35.04 8.87
CA PRO D 84 26.91 -34.09 9.39
C PRO D 84 27.00 -32.71 8.74
N GLN D 85 28.03 -32.43 7.94
CA GLN D 85 28.16 -31.17 7.25
C GLN D 85 27.35 -31.15 5.96
N ILE D 86 26.96 -32.32 5.43
CA ILE D 86 26.24 -32.37 4.16
C ILE D 86 24.77 -32.56 4.49
N GLN D 87 24.02 -31.48 4.41
CA GLN D 87 22.60 -31.44 4.73
C GLN D 87 21.77 -31.92 3.55
N ILE D 88 20.70 -32.66 3.85
CA ILE D 88 19.75 -33.14 2.84
C ILE D 88 18.52 -32.25 2.90
N ILE D 89 18.18 -31.64 1.77
CA ILE D 89 17.03 -30.76 1.63
C ILE D 89 16.00 -31.49 0.78
N ASP D 90 14.78 -31.63 1.29
CA ASP D 90 13.74 -32.40 0.61
C ASP D 90 12.44 -31.61 0.63
N SER D 91 11.82 -31.49 -0.54
CA SER D 91 10.55 -30.76 -0.63
C SER D 91 9.50 -31.41 0.27
N GLU D 92 9.47 -32.74 0.31
CA GLU D 92 8.53 -33.48 1.14
C GLU D 92 8.82 -33.35 2.64
N GLN D 93 9.95 -32.76 3.01
CA GLN D 93 10.31 -32.60 4.42
C GLN D 93 10.82 -31.18 4.69
N LYS D 96 9.10 -26.00 2.27
CA LYS D 96 9.43 -24.91 1.34
C LYS D 96 8.53 -23.70 1.56
N ILE D 97 9.11 -22.50 1.42
CA ILE D 97 8.34 -21.27 1.47
C ILE D 97 8.88 -20.30 0.42
N PRO D 98 8.06 -19.84 -0.51
CA PRO D 98 8.53 -18.86 -1.51
C PRO D 98 8.56 -17.44 -0.94
N ILE D 99 9.73 -17.02 -0.49
CA ILE D 99 9.90 -15.70 0.14
C ILE D 99 11.32 -15.27 -0.05
N TRP D 100 11.52 -14.00 -0.40
CA TRP D 100 12.86 -13.46 -0.50
C TRP D 100 13.54 -13.44 0.87
N HIS D 101 14.78 -13.95 0.91
CA HIS D 101 15.46 -14.04 2.17
C HIS D 101 16.96 -14.07 1.96
N THR D 102 17.65 -13.72 3.04
CA THR D 102 19.09 -13.95 3.18
C THR D 102 19.20 -14.92 4.34
N ASP D 103 20.06 -15.93 4.22
CA ASP D 103 20.00 -17.06 5.16
C ASP D 103 20.36 -16.65 6.58
N MET D 104 19.47 -17.04 7.51
N MET D 104 19.47 -17.02 7.53
CA MET D 104 19.70 -16.96 8.96
CA MET D 104 19.74 -17.00 8.97
C MET D 104 20.27 -15.61 9.39
C MET D 104 20.17 -15.62 9.48
N THR D 105 19.63 -14.52 8.90
CA THR D 105 20.07 -13.19 9.38
C THR D 105 19.53 -12.85 10.78
N TYR D 106 18.61 -13.65 11.31
CA TYR D 106 18.18 -13.60 12.70
C TYR D 106 19.25 -14.06 13.66
N ALA D 107 20.39 -14.55 13.16
CA ALA D 107 21.53 -14.91 14.00
C ALA D 107 22.57 -13.79 14.02
N PRO D 108 23.29 -13.65 15.13
CA PRO D 108 24.41 -12.67 15.17
C PRO D 108 25.46 -12.89 14.10
N ASN D 109 25.75 -14.15 13.76
CA ASN D 109 26.71 -14.48 12.69
C ASN D 109 26.04 -15.36 11.66
N PRO D 110 25.37 -14.76 10.67
CA PRO D 110 24.74 -15.55 9.62
C PRO D 110 25.81 -16.24 8.78
N PRO D 111 25.44 -17.22 7.99
CA PRO D 111 26.43 -17.85 7.10
C PRO D 111 27.01 -16.85 6.09
N ILE D 112 28.27 -17.11 5.69
CA ILE D 112 28.78 -16.29 4.60
CA ILE D 112 28.95 -16.43 4.59
C ILE D 112 28.37 -16.85 3.24
N GLY D 113 27.93 -18.09 3.14
CA GLY D 113 27.45 -18.61 1.87
C GLY D 113 27.18 -20.09 1.94
N SER D 114 26.73 -20.63 0.80
CA SER D 114 26.32 -22.02 0.73
C SER D 114 26.69 -22.61 -0.61
N VAL D 115 26.80 -23.94 -0.63
CA VAL D 115 27.04 -24.77 -1.80
C VAL D 115 25.89 -25.76 -1.86
N LEU D 116 25.09 -25.68 -2.93
CA LEU D 116 23.87 -26.47 -3.06
C LEU D 116 23.86 -27.20 -4.38
N GLN D 117 23.54 -28.49 -4.34
CA GLN D 117 23.41 -29.31 -5.53
C GLN D 117 22.06 -30.02 -5.48
N ILE D 118 21.23 -29.79 -6.49
CA ILE D 118 19.96 -30.50 -6.62
C ILE D 118 20.26 -31.84 -7.29
N VAL D 119 19.89 -32.94 -6.62
CA VAL D 119 20.21 -34.26 -7.10
C VAL D 119 18.99 -34.97 -7.66
N ASP D 120 17.79 -34.62 -7.20
CA ASP D 120 16.54 -35.10 -7.76
C ASP D 120 15.60 -33.92 -7.96
N GLY D 121 15.03 -33.80 -9.16
CA GLY D 121 14.09 -32.73 -9.44
C GLY D 121 13.44 -32.84 -10.82
N PRO D 122 12.37 -32.08 -11.02
CA PRO D 122 11.71 -32.07 -12.34
C PRO D 122 12.50 -31.27 -13.37
N ALA D 123 12.22 -31.58 -14.65
CA ALA D 123 12.92 -30.94 -15.75
C ALA D 123 12.63 -29.44 -15.80
N GLN D 124 11.43 -29.04 -15.39
CA GLN D 124 11.10 -27.63 -15.20
C GLN D 124 10.37 -27.48 -13.87
N GLY D 125 10.36 -26.27 -13.37
CA GLY D 125 9.80 -26.00 -12.07
C GLY D 125 10.88 -25.99 -10.99
N GLY D 126 10.65 -25.19 -9.96
CA GLY D 126 11.54 -25.11 -8.83
C GLY D 126 12.78 -24.29 -9.06
N ASP D 127 12.72 -23.30 -9.97
CA ASP D 127 13.85 -22.40 -10.13
C ASP D 127 14.14 -21.68 -8.83
N THR D 128 15.38 -21.20 -8.72
CA THR D 128 15.79 -20.33 -7.63
C THR D 128 16.26 -19.01 -8.22
N MET D 129 15.83 -17.91 -7.61
CA MET D 129 16.27 -16.57 -8.01
C MET D 129 17.20 -16.04 -6.93
N TRP D 130 18.17 -15.21 -7.37
CA TRP D 130 19.04 -14.48 -6.46
C TRP D 130 18.96 -12.99 -6.85
N SER D 131 19.22 -12.11 -5.88
CA SER D 131 19.23 -10.67 -6.13
C SER D 131 20.56 -10.07 -5.62
N ASN D 132 20.96 -8.98 -6.26
CA ASN D 132 22.24 -8.29 -5.97
C ASN D 132 21.98 -7.12 -5.02
N GLN D 133 22.33 -7.32 -3.74
CA GLN D 133 22.12 -6.29 -2.73
C GLN D 133 23.07 -5.09 -2.86
N TYR D 134 24.20 -5.21 -3.58
CA TYR D 134 24.99 -4.03 -3.90
C TYR D 134 24.16 -3.07 -4.76
N LEU D 135 23.54 -3.62 -5.81
CA LEU D 135 22.79 -2.78 -6.74
C LEU D 135 21.52 -2.24 -6.09
N ALA D 136 20.92 -3.02 -5.20
CA ALA D 136 19.76 -2.53 -4.44
C ALA D 136 20.12 -1.26 -3.65
N TYR D 137 21.29 -1.24 -3.02
CA TYR D 137 21.70 -0.04 -2.30
C TYR D 137 22.10 1.08 -3.25
N GLU D 138 22.93 0.76 -4.22
CA GLU D 138 23.47 1.77 -5.14
C GLU D 138 22.37 2.44 -5.95
N GLY D 139 21.24 1.75 -6.17
CA GLY D 139 20.13 2.29 -6.93
C GLY D 139 19.22 3.21 -6.15
N LEU D 140 19.46 3.32 -4.85
CA LEU D 140 18.77 4.31 -4.03
C LEU D 140 19.40 5.67 -4.26
N SER D 141 18.57 6.72 -4.17
CA SER D 141 19.09 8.09 -4.33
C SER D 141 19.94 8.47 -3.12
N ALA D 142 20.80 9.48 -3.33
CA ALA D 142 21.78 9.83 -2.30
C ALA D 142 21.18 10.14 -0.92
N PRO D 143 20.05 10.85 -0.79
CA PRO D 143 19.52 11.11 0.56
C PRO D 143 19.14 9.82 1.28
N LEU D 144 18.62 8.86 0.54
N LEU D 144 18.60 8.84 0.56
CA LEU D 144 18.21 7.60 1.15
CA LEU D 144 18.22 7.59 1.20
C LEU D 144 19.41 6.73 1.50
C LEU D 144 19.44 6.74 1.53
N ARG D 145 20.44 6.68 0.63
CA ARG D 145 21.64 5.96 0.99
C ARG D 145 22.23 6.55 2.26
N ASP D 146 22.26 7.89 2.36
N ASP D 146 22.25 7.88 2.37
CA ASP D 146 22.80 8.57 3.53
CA ASP D 146 22.82 8.51 3.54
C ASP D 146 22.02 8.20 4.79
C ASP D 146 22.02 8.15 4.79
N LEU D 147 20.69 8.12 4.67
CA LEU D 147 19.87 7.73 5.80
C LEU D 147 20.18 6.28 6.21
N LEU D 148 20.14 5.35 5.23
CA LEU D 148 20.31 3.96 5.58
C LEU D 148 21.67 3.68 6.19
N ASP D 149 22.72 4.39 5.74
CA ASP D 149 24.05 4.16 6.27
C ASP D 149 24.08 4.25 7.79
N GLY D 150 23.21 5.06 8.38
CA GLY D 150 23.21 5.30 9.81
C GLY D 150 22.22 4.48 10.61
N LEU D 151 21.53 3.53 10.00
CA LEU D 151 20.47 2.75 10.63
C LEU D 151 20.92 1.32 10.86
N THR D 152 20.26 0.66 11.82
CA THR D 152 20.35 -0.77 12.03
C THR D 152 18.95 -1.35 12.06
N ALA D 153 18.88 -2.69 11.94
CA ALA D 153 17.60 -3.38 11.94
C ALA D 153 17.70 -4.62 12.79
N VAL D 154 16.58 -4.95 13.43
CA VAL D 154 16.43 -6.20 14.18
C VAL D 154 15.90 -7.25 13.23
N HIS D 155 16.53 -8.42 13.22
CA HIS D 155 16.10 -9.59 12.49
C HIS D 155 15.74 -10.65 13.50
N SER D 156 14.64 -11.38 13.26
CA SER D 156 14.19 -12.31 14.28
C SER D 156 13.43 -13.49 13.68
N ILE D 157 13.38 -14.56 14.46
CA ILE D 157 12.57 -15.73 14.14
C ILE D 157 12.02 -16.26 15.46
N HIS D 158 10.77 -16.69 15.43
CA HIS D 158 10.13 -17.25 16.61
C HIS D 158 9.26 -18.40 16.09
N ILE D 159 9.82 -19.60 16.12
CA ILE D 159 9.09 -20.81 15.74
C ILE D 159 9.36 -21.87 16.80
N PRO D 160 8.51 -22.90 16.88
CA PRO D 160 8.75 -23.98 17.85
C PRO D 160 10.16 -24.52 17.76
N GLY D 161 10.93 -24.39 18.84
CA GLY D 161 12.28 -24.89 18.89
C GLY D 161 13.36 -23.92 18.44
N LEU D 162 13.01 -22.69 18.07
CA LEU D 162 14.01 -21.73 17.63
C LEU D 162 13.47 -20.32 17.85
N ASP D 163 14.10 -19.61 18.78
CA ASP D 163 13.87 -18.18 18.98
C ASP D 163 15.24 -17.52 18.89
N SER D 164 15.38 -16.57 17.97
CA SER D 164 16.66 -15.91 17.82
C SER D 164 16.40 -14.51 17.30
N GLN D 165 17.17 -13.54 17.79
CA GLN D 165 17.16 -12.24 17.16
C GLN D 165 18.56 -11.63 17.15
N ALA D 166 18.76 -10.73 16.21
CA ALA D 166 20.06 -10.10 16.02
C ALA D 166 19.82 -8.71 15.47
N GLU D 167 20.75 -7.80 15.80
CA GLU D 167 20.74 -6.45 15.25
C GLU D 167 21.90 -6.30 14.30
N HIS D 168 21.64 -5.85 13.09
CA HIS D 168 22.63 -5.73 12.03
C HIS D 168 22.52 -4.35 11.39
N PRO D 169 23.62 -3.84 10.84
CA PRO D 169 23.53 -2.65 10.01
C PRO D 169 22.57 -2.85 8.83
N VAL D 170 21.85 -1.79 8.47
CA VAL D 170 21.01 -1.83 7.27
C VAL D 170 21.86 -1.86 6.01
N VAL D 171 23.06 -1.27 6.06
CA VAL D 171 24.01 -1.24 4.94
C VAL D 171 25.32 -1.82 5.46
N ARG D 172 25.76 -2.93 4.87
CA ARG D 172 26.97 -3.58 5.33
C ARG D 172 28.06 -3.50 4.28
N VAL D 173 29.29 -3.50 4.76
CA VAL D 173 30.47 -3.45 3.92
C VAL D 173 30.92 -4.88 3.71
N HIS D 174 31.01 -5.30 2.47
CA HIS D 174 31.57 -6.63 2.20
C HIS D 174 33.03 -6.65 2.62
N PRO D 175 33.47 -7.61 3.44
CA PRO D 175 34.85 -7.55 3.93
C PRO D 175 35.91 -7.65 2.85
N GLU D 176 35.67 -8.36 1.75
CA GLU D 176 36.69 -8.53 0.72
C GLU D 176 36.64 -7.42 -0.33
N THR D 177 35.46 -7.09 -0.83
CA THR D 177 35.35 -6.08 -1.88
C THR D 177 35.31 -4.66 -1.35
N GLY D 178 34.92 -4.46 -0.09
CA GLY D 178 34.74 -3.14 0.46
C GLY D 178 33.51 -2.41 -0.03
N ARG D 179 32.71 -3.06 -0.84
CA ARG D 179 31.54 -2.45 -1.44
C ARG D 179 30.35 -2.59 -0.51
N ARG D 180 29.52 -1.55 -0.49
CA ARG D 180 28.35 -1.52 0.39
C ARG D 180 27.14 -2.19 -0.23
N ALA D 181 26.43 -2.96 0.59
CA ALA D 181 25.24 -3.71 0.16
C ALA D 181 24.12 -3.52 1.17
N LEU D 182 22.89 -3.49 0.66
CA LEU D 182 21.72 -3.53 1.51
C LEU D 182 21.74 -4.84 2.31
N PHE D 183 21.30 -4.78 3.57
CA PHE D 183 21.27 -5.94 4.44
C PHE D 183 19.96 -6.02 5.21
N VAL D 184 18.86 -5.98 4.47
CA VAL D 184 17.54 -6.32 5.01
C VAL D 184 16.91 -7.28 4.01
N ASN D 185 16.02 -8.12 4.51
CA ASN D 185 15.30 -9.07 3.65
C ASN D 185 13.92 -9.35 4.25
N ARG D 186 12.97 -9.65 3.35
CA ARG D 186 11.56 -9.78 3.75
CA ARG D 186 11.58 -9.73 3.79
C ARG D 186 11.36 -10.86 4.81
N ALA D 187 12.01 -12.02 4.63
CA ALA D 187 11.72 -13.15 5.51
C ALA D 187 12.08 -12.86 6.95
N HIS D 188 13.30 -12.37 7.19
CA HIS D 188 13.80 -12.35 8.54
C HIS D 188 13.95 -10.97 9.17
N THR D 189 13.96 -9.89 8.41
CA THR D 189 14.07 -8.58 9.04
C THR D 189 12.75 -8.21 9.70
N SER D 190 12.82 -7.73 10.94
CA SER D 190 11.61 -7.30 11.65
C SER D 190 11.36 -5.81 11.48
N HIS D 191 12.29 -4.99 11.92
CA HIS D 191 12.09 -3.55 11.96
C HIS D 191 13.42 -2.84 12.06
N ILE D 192 13.40 -1.60 11.62
CA ILE D 192 14.53 -0.69 11.79
C ILE D 192 14.51 -0.12 13.20
N ALA D 193 15.67 -0.14 13.86
CA ALA D 193 15.72 0.11 15.29
C ALA D 193 15.56 1.58 15.68
N GLN D 194 16.00 2.51 14.83
CA GLN D 194 16.00 3.94 15.15
C GLN D 194 14.73 4.67 14.71
N LEU D 195 13.88 4.03 13.95
CA LEU D 195 12.57 4.55 13.53
C LEU D 195 11.47 3.97 14.41
N ASN D 196 10.30 4.63 14.42
CA ASN D 196 9.16 3.94 15.03
C ASN D 196 8.69 2.84 14.09
N ARG D 197 7.85 1.95 14.62
CA ARG D 197 7.52 0.76 13.81
C ARG D 197 6.76 1.11 12.54
N ASN D 198 5.93 2.17 12.56
CA ASN D 198 5.17 2.50 11.36
C ASN D 198 6.06 3.09 10.27
N GLU D 199 7.00 3.96 10.64
CA GLU D 199 7.99 4.45 9.69
C GLU D 199 8.81 3.29 9.14
N SER D 200 9.21 2.38 10.02
CA SER D 200 9.98 1.21 9.61
C SER D 200 9.24 0.38 8.59
N ASP D 201 7.96 0.11 8.84
CA ASP D 201 7.16 -0.67 7.88
C ASP D 201 7.19 -0.03 6.49
N ALA D 202 6.97 1.30 6.44
CA ALA D 202 6.89 2.00 5.18
C ALA D 202 8.22 1.94 4.42
N LEU D 203 9.32 2.14 5.12
CA LEU D 203 10.62 2.12 4.47
C LEU D 203 11.01 0.72 4.06
N LEU D 204 10.81 -0.25 4.94
CA LEU D 204 11.15 -1.64 4.58
C LEU D 204 10.29 -2.14 3.42
N GLN D 205 9.00 -1.79 3.42
CA GLN D 205 8.16 -2.20 2.29
C GLN D 205 8.75 -1.73 0.97
N TYR D 206 9.16 -0.46 0.91
CA TYR D 206 9.76 0.08 -0.30
C TYR D 206 11.05 -0.67 -0.66
N LEU D 207 11.92 -0.86 0.34
CA LEU D 207 13.21 -1.49 0.12
C LEU D 207 13.06 -2.93 -0.35
N TYR D 208 12.12 -3.68 0.25
CA TYR D 208 11.95 -5.07 -0.16
C TYR D 208 11.57 -5.16 -1.63
N ARG D 209 10.58 -4.38 -2.07
CA ARG D 209 10.17 -4.42 -3.47
C ARG D 209 11.27 -3.90 -4.40
N PHE D 210 11.91 -2.79 -4.05
CA PHE D 210 12.94 -2.25 -4.92
C PHE D 210 14.10 -3.23 -5.08
N SER D 211 14.49 -3.85 -3.98
CA SER D 211 15.71 -4.67 -3.97
C SER D 211 15.57 -5.94 -4.77
N THR D 212 14.35 -6.38 -5.06
CA THR D 212 14.09 -7.59 -5.84
C THR D 212 13.50 -7.25 -7.22
N SER D 213 13.70 -6.03 -7.68
CA SER D 213 13.39 -5.62 -9.04
C SER D 213 14.06 -6.57 -10.01
N PRO D 214 13.42 -6.87 -11.16
CA PRO D 214 14.05 -7.81 -12.10
C PRO D 214 15.39 -7.36 -12.63
N GLU D 215 15.66 -6.05 -12.64
CA GLU D 215 16.97 -5.55 -13.06
C GLU D 215 18.08 -5.92 -12.10
N PHE D 216 17.75 -6.38 -10.91
CA PHE D 216 18.72 -6.76 -9.90
C PHE D 216 18.81 -8.27 -9.67
N THR D 217 18.10 -9.09 -10.43
CA THR D 217 17.98 -10.50 -10.10
C THR D 217 18.47 -11.37 -11.25
N CYS D 218 18.63 -12.65 -10.93
CA CYS D 218 18.80 -13.69 -11.93
C CYS D 218 17.91 -14.87 -11.53
N ARG D 219 17.54 -15.69 -12.51
CA ARG D 219 16.68 -16.86 -12.26
C ARG D 219 17.33 -18.09 -12.88
N TYR D 220 17.60 -19.11 -12.04
CA TYR D 220 18.32 -20.29 -12.45
C TYR D 220 17.41 -21.51 -12.49
N GLN D 221 17.47 -22.23 -13.62
CA GLN D 221 16.78 -23.49 -13.80
C GLN D 221 17.73 -24.63 -13.46
N TRP D 222 17.39 -25.40 -12.44
CA TRP D 222 18.24 -26.49 -12.00
C TRP D 222 18.24 -27.65 -12.99
N ARG D 223 19.43 -28.22 -13.21
CA ARG D 223 19.62 -29.43 -13.98
CA ARG D 223 19.60 -29.44 -13.97
C ARG D 223 20.30 -30.47 -13.09
N PRO D 224 20.10 -31.74 -13.34
CA PRO D 224 20.82 -32.77 -12.57
C PRO D 224 22.31 -32.53 -12.64
N GLY D 225 22.96 -32.57 -11.48
CA GLY D 225 24.38 -32.37 -11.39
C GLY D 225 24.83 -30.94 -11.21
N SER D 226 23.93 -29.97 -11.34
CA SER D 226 24.28 -28.56 -11.20
C SER D 226 24.52 -28.20 -9.73
N VAL D 227 25.56 -27.41 -9.51
CA VAL D 227 25.94 -26.92 -8.18
C VAL D 227 25.85 -25.41 -8.21
N ALA D 228 25.18 -24.81 -7.21
CA ALA D 228 25.18 -23.38 -7.03
C ALA D 228 25.97 -22.99 -5.80
N ILE D 229 26.79 -21.95 -5.94
CA ILE D 229 27.58 -21.41 -4.84
C ILE D 229 27.24 -19.93 -4.76
N TRP D 230 26.79 -19.48 -3.60
CA TRP D 230 26.41 -18.08 -3.46
C TRP D 230 27.02 -17.47 -2.21
N ASP D 231 27.27 -16.16 -2.33
CA ASP D 231 27.74 -15.29 -1.24
C ASP D 231 26.52 -14.73 -0.52
N ASN D 232 26.22 -15.29 0.67
CA ASN D 232 25.09 -14.87 1.49
C ASN D 232 25.29 -13.50 2.12
N ARG D 233 26.46 -12.89 1.97
CA ARG D 233 26.65 -11.56 2.56
CA ARG D 233 26.68 -11.56 2.54
C ARG D 233 25.99 -10.46 1.75
N VAL D 234 25.80 -10.65 0.46
CA VAL D 234 25.39 -9.58 -0.43
C VAL D 234 24.31 -10.03 -1.43
N THR D 235 23.61 -11.09 -1.10
CA THR D 235 22.50 -11.56 -1.95
C THR D 235 21.28 -11.82 -1.09
N GLN D 236 20.13 -11.87 -1.76
CA GLN D 236 18.92 -12.56 -1.29
C GLN D 236 18.62 -13.67 -2.30
N HIS D 237 17.79 -14.63 -1.90
CA HIS D 237 17.30 -15.59 -2.87
C HIS D 237 15.88 -16.01 -2.54
N TYR D 238 15.28 -16.73 -3.49
CA TYR D 238 13.86 -17.02 -3.52
C TYR D 238 13.67 -18.35 -4.26
N ALA D 239 12.98 -19.28 -3.64
CA ALA D 239 12.70 -20.61 -4.21
C ALA D 239 11.30 -20.59 -4.79
N VAL D 240 11.21 -20.66 -6.12
CA VAL D 240 9.90 -20.57 -6.77
C VAL D 240 9.08 -21.81 -6.47
N ASP D 241 7.82 -21.60 -6.07
CA ASP D 241 6.93 -22.69 -5.64
C ASP D 241 5.92 -23.00 -6.74
N ASP D 242 6.44 -23.60 -7.81
CA ASP D 242 5.63 -23.93 -8.98
C ASP D 242 5.71 -25.40 -9.36
N TYR D 243 6.00 -26.28 -8.41
CA TYR D 243 6.14 -27.71 -8.72
C TYR D 243 5.50 -28.56 -7.64
N SER D 244 5.17 -29.78 -8.02
CA SER D 244 4.68 -30.81 -7.10
C SER D 244 5.54 -32.06 -7.08
N GLU D 245 6.49 -32.21 -8.01
CA GLU D 245 7.34 -33.38 -8.04
C GLU D 245 8.30 -33.38 -6.83
N HIS D 246 8.96 -34.52 -6.64
CA HIS D 246 9.93 -34.63 -5.57
C HIS D 246 11.18 -33.84 -5.93
N ARG D 247 11.69 -33.06 -4.96
CA ARG D 247 12.87 -32.22 -5.15
C ARG D 247 13.81 -32.41 -3.96
N ARG D 248 15.05 -32.84 -4.24
CA ARG D 248 16.02 -33.17 -3.21
C ARG D 248 17.38 -32.53 -3.53
N GLY D 249 18.02 -31.99 -2.50
CA GLY D 249 19.31 -31.32 -2.68
C GLY D 249 20.28 -31.70 -1.57
N LEU D 250 21.58 -31.49 -1.87
CA LEU D 250 22.64 -31.65 -0.89
C LEU D 250 23.28 -30.27 -0.68
N ARG D 251 23.43 -29.89 0.58
CA ARG D 251 23.81 -28.52 0.88
C ARG D 251 24.88 -28.51 1.96
N VAL D 252 25.86 -27.64 1.77
N VAL D 252 25.92 -27.70 1.77
CA VAL D 252 26.90 -27.34 2.75
CA VAL D 252 26.86 -27.38 2.85
C VAL D 252 26.84 -25.85 3.03
C VAL D 252 26.81 -25.88 3.05
N VAL D 253 26.86 -25.48 4.31
CA VAL D 253 26.69 -24.09 4.71
C VAL D 253 27.97 -23.60 5.40
N VAL D 254 28.50 -22.48 4.92
CA VAL D 254 29.76 -21.91 5.42
C VAL D 254 29.43 -20.86 6.46
N LEU D 255 29.91 -21.08 7.69
CA LEU D 255 29.61 -20.19 8.80
C LEU D 255 30.54 -18.99 8.79
N GLY D 256 30.16 -17.97 9.58
CA GLY D 256 31.10 -17.01 10.09
C GLY D 256 31.00 -15.57 9.62
N ASP D 257 29.84 -15.12 9.11
CA ASP D 257 29.67 -13.70 8.80
C ASP D 257 29.55 -12.87 10.08
N THR D 258 30.07 -11.66 10.01
CA THR D 258 29.80 -10.64 11.03
C THR D 258 29.44 -9.38 10.27
N PRO D 259 28.18 -9.19 9.95
CA PRO D 259 27.78 -7.99 9.18
C PRO D 259 28.26 -6.74 9.88
N SER D 260 28.98 -5.92 9.15
CA SER D 260 29.62 -4.75 9.72
C SER D 260 29.31 -3.56 8.82
N GLY D 261 28.94 -2.46 9.44
CA GLY D 261 28.69 -1.21 8.75
C GLY D 261 28.96 -0.04 9.67
N ASP D 262 28.41 1.11 9.34
CA ASP D 262 28.64 2.33 10.11
C ASP D 262 28.02 2.25 11.50
N LYS D 263 28.68 2.92 12.45
CA LYS D 263 28.06 3.19 13.74
C LYS D 263 26.73 3.89 13.51
N PRO D 264 25.66 3.48 14.17
CA PRO D 264 24.38 4.17 13.96
C PRO D 264 24.48 5.63 14.36
N ARG D 265 23.79 6.49 13.61
CA ARG D 265 23.87 7.93 13.83
C ARG D 265 22.79 8.43 14.78
N TRP D 266 21.91 7.54 15.23
CA TRP D 266 20.83 7.88 16.16
C TRP D 266 20.67 6.72 17.15
N ASP D 267 20.06 7.04 18.29
CA ASP D 267 19.73 6.02 19.28
C ASP D 267 18.51 5.21 18.82
N HIS D 268 18.30 4.06 19.49
CA HIS D 268 17.07 3.30 19.23
C HIS D 268 15.85 4.15 19.52
N TYR D 269 14.81 3.95 18.73
CA TYR D 269 13.53 4.58 19.05
C TYR D 269 13.02 4.03 20.37
N ARG D 270 12.53 4.91 21.23
CA ARG D 270 12.02 4.54 22.54
C ARG D 270 10.52 4.82 22.63
N PRO D 271 9.67 3.82 22.68
CA PRO D 271 8.23 4.08 22.87
C PRO D 271 7.97 4.56 24.29
N VAL D 272 6.81 5.17 24.47
CA VAL D 272 6.39 5.59 25.81
C VAL D 272 5.64 4.42 26.44
N PRO D 273 5.58 4.33 27.77
CA PRO D 273 4.87 3.19 28.38
C PRO D 273 3.43 3.12 27.91
N GLY D 274 2.94 1.89 27.73
CA GLY D 274 1.61 1.66 27.21
C GLY D 274 1.45 1.87 25.72
N GLN D 275 2.45 2.42 25.04
CA GLN D 275 2.32 2.67 23.61
C GLN D 275 2.13 1.37 22.86
N ARG D 276 1.24 1.40 21.88
CA ARG D 276 0.90 0.22 21.12
C ARG D 276 1.19 0.45 19.64
N TYR D 277 1.63 -0.61 19.00
CA TYR D 277 1.93 -0.60 17.57
C TYR D 277 0.68 -1.02 16.82
N VAL D 278 0.15 -0.11 16.00
CA VAL D 278 -0.96 -0.38 15.12
C VAL D 278 -0.45 -0.32 13.69
N PRO D 279 -0.25 -1.46 13.02
CA PRO D 279 0.28 -1.41 11.65
C PRO D 279 -0.66 -0.65 10.70
N ASP D 280 -0.05 0.14 9.79
CA ASP D 280 -0.87 0.85 8.80
C ASP D 280 -1.43 -0.11 7.76
N TRP D 281 -0.82 -1.26 7.56
CA TRP D 281 -1.24 -2.23 6.54
C TRP D 281 -1.70 -3.53 7.18
N VAL D 282 -2.76 -4.10 6.63
CA VAL D 282 -3.37 -5.30 7.18
C VAL D 282 -2.52 -6.54 6.92
N ASN D 283 -2.31 -7.32 7.98
CA ASN D 283 -1.91 -8.72 7.90
C ASN D 283 -2.98 -9.53 8.65
N ALA D 284 -3.27 -10.73 8.14
CA ALA D 284 -4.15 -11.63 8.89
C ALA D 284 -3.53 -12.01 10.23
N LYS D 285 -4.41 -12.31 11.18
CA LYS D 285 -3.99 -12.77 12.51
C LYS D 285 -3.73 -14.28 12.55
N GLU D 286 -4.19 -15.02 11.55
N GLU D 286 -4.23 -15.02 11.57
CA GLU D 286 -4.05 -16.46 11.51
CA GLU D 286 -4.03 -16.47 11.52
C GLU D 286 -3.50 -16.87 10.15
C GLU D 286 -3.47 -16.83 10.16
N ALA D 287 -2.47 -17.70 10.15
CA ALA D 287 -1.97 -18.27 8.90
C ALA D 287 -2.77 -19.52 8.56
N TYR D 288 -2.16 -20.47 7.87
CA TYR D 288 -2.92 -21.62 7.39
C TYR D 288 -2.76 -22.85 8.31
C1 MLI E . -11.29 12.39 11.59
C2 MLI E . -12.81 12.30 11.67
C3 MLI E . -10.71 13.41 12.55
O6 MLI E . -13.49 13.09 12.35
O7 MLI E . -13.37 11.41 11.00
O8 MLI E . -11.45 14.13 13.31
O9 MLI E . -9.46 13.53 12.56
H11 MLI E . -11.04 12.64 10.68
H12 MLI E . -10.92 11.52 11.80
FE FE2 F . -14.59 0.05 22.65
C1 AKG G . -15.18 1.63 25.10
O1 AKG G . -15.68 2.15 26.09
O2 AKG G . -15.62 0.51 24.56
C2 AKG G . -13.95 2.25 24.41
O5 AKG G . -13.46 1.75 23.41
C3 AKG G . -13.38 3.49 25.02
C4 AKG G . -14.05 4.75 24.53
C5 AKG G . -13.47 6.00 25.10
O3 AKG G . -13.78 7.09 24.68
O4 AKG G . -12.61 5.81 26.09
H31 AKG G . -12.43 3.53 24.80
H32 AKG G . -13.47 3.44 25.98
H41 AKG G . -14.99 4.70 24.76
H42 AKG G . -13.96 4.79 23.56
C ACT H . -26.52 0.78 -7.09
O ACT H . -25.58 1.06 -6.27
OXT ACT H . -27.15 -0.32 -7.25
CH3 ACT H . -26.96 1.94 -8.04
H1 ACT H . -26.84 1.67 -8.96
H2 ACT H . -27.90 2.14 -7.89
H3 ACT H . -26.42 2.72 -7.86
C ACT I . -16.84 8.17 40.14
O ACT I . -17.30 7.05 40.55
OXT ACT I . -15.63 8.46 39.86
CH3 ACT I . -17.89 9.33 39.95
H1 ACT I . -18.77 9.03 40.20
H2 ACT I . -17.90 9.62 39.03
H3 ACT I . -17.63 10.09 40.53
FE FE2 J . -8.75 25.48 1.41
C1 AKG K . -11.07 27.14 1.93
O1 AKG K . -11.85 28.05 2.16
O2 AKG K . -9.79 27.33 1.73
C2 AKG K . -11.54 25.65 1.86
O5 AKG K . -10.78 24.71 1.55
C3 AKG K . -12.97 25.37 2.16
C4 AKG K . -13.17 24.90 3.58
C5 AKG K . -14.62 24.72 3.91
O3 AKG K . -14.99 24.31 4.98
O4 AKG K . -15.43 25.06 2.94
H31 AKG K . -13.47 26.18 2.02
H32 AKG K . -13.29 24.68 1.55
H41 AKG K . -12.79 25.55 4.18
H42 AKG K . -12.72 24.04 3.69
C ACT L . 13.98 12.60 19.37
O ACT L . 13.05 12.21 18.61
OXT ACT L . 15.07 13.18 19.08
CH3 ACT L . 13.77 12.31 20.90
H1 ACT L . 14.47 11.73 21.22
H2 ACT L . 13.79 13.14 21.39
H3 ACT L . 12.91 11.88 21.03
NA NA M . 9.87 -0.30 -6.88
FE FE2 N . 5.24 -5.56 -25.91
C1 AKG O . 7.29 -6.17 -27.77
O1 AKG O . 6.07 -6.13 -27.83
O2 AKG O . 8.06 -6.54 -28.76
C2 AKG O . 8.03 -5.73 -26.49
O5 AKG O . 7.41 -5.36 -25.49
C3 AKG O . 9.53 -5.71 -26.51
C4 AKG O . 10.12 -7.01 -25.98
C5 AKG O . 11.61 -6.92 -25.86
O3 AKG O . 12.26 -5.96 -26.24
O4 AKG O . 12.11 -7.98 -25.32
H31 AKG O . 9.82 -5.59 -27.42
H32 AKG O . 9.84 -4.98 -25.97
H41 AKG O . 9.89 -7.73 -26.58
H42 AKG O . 9.75 -7.19 -25.11
C ACT P . -12.66 -23.69 -6.22
O ACT P . -13.83 -23.57 -6.72
OXT ACT P . -11.75 -22.81 -6.12
CH3 ACT P . -12.29 -25.11 -5.65
H1 ACT P . -11.52 -25.45 -6.11
H2 ACT P . -12.09 -25.03 -4.70
H3 ACT P . -13.04 -25.71 -5.78
C ACT Q . 19.03 -6.64 -39.46
O ACT Q . 18.28 -5.79 -40.03
OXT ACT Q . 19.87 -6.47 -38.52
CH3 ACT Q . 18.93 -8.11 -40.00
H1 ACT Q . 18.26 -8.16 -40.70
H2 ACT Q . 19.78 -8.39 -40.33
H3 ACT Q . 18.66 -8.70 -39.27
NA NA R . -10.81 5.25 0.65
C1 MLI S . 11.18 -12.36 -11.73
C2 MLI S . 12.69 -12.19 -11.93
C3 MLI S . 10.64 -13.56 -12.50
O6 MLI S . 13.28 -11.28 -11.31
O7 MLI S . 13.34 -12.93 -12.69
O8 MLI S . 9.42 -13.80 -12.42
O9 MLI S . 11.40 -14.33 -13.17
H11 MLI S . 10.73 -11.56 -12.05
H12 MLI S . 11.01 -12.49 -10.79
FE FE2 T . 17.99 -20.01 1.69
C1 AKG U . 18.73 -22.53 0.68
O1 AKG U . 19.25 -21.77 1.48
O2 AKG U . 19.29 -23.63 0.27
C2 AKG U . 17.30 -22.23 0.10
O5 AKG U . 16.67 -21.22 0.41
C3 AKG U . 16.70 -23.23 -0.84
C4 AKG U . 16.70 -22.73 -2.27
C5 AKG U . 16.26 -23.80 -3.24
O3 AKG U . 15.82 -24.88 -2.90
O4 AKG U . 16.40 -23.44 -4.47
H31 AKG U . 17.22 -24.04 -0.80
H32 AKG U . 15.79 -23.40 -0.57
H41 AKG U . 16.09 -21.98 -2.34
H42 AKG U . 17.59 -22.45 -2.51
C ACT V . 24.74 10.26 -6.58
O ACT V . 25.58 10.80 -5.80
OXT ACT V . 23.93 9.30 -6.35
CH3 ACT V . 24.66 10.83 -8.03
H1 ACT V . 25.29 11.56 -8.13
H2 ACT V . 23.77 11.15 -8.21
H3 ACT V . 24.89 10.13 -8.67
#